data_5M3C
#
_entry.id   5M3C
#
_cell.length_a   122.307
_cell.length_b   133.931
_cell.length_c   69.141
_cell.angle_alpha   90.000
_cell.angle_beta   90.000
_cell.angle_gamma   90.000
#
_symmetry.space_group_name_H-M   'P 21 21 2'
#
loop_
_entity.id
_entity.type
_entity.pdbx_description
1 polymer 'Diguanylate cyclase'
2 non-polymer 'CALCIUM ION'
3 non-polymer "GUANOSINE-5'-TRIPHOSPHATE"
4 water water
#
_entity_poly.entity_id   1
_entity_poly.type   'polypeptide(L)'
_entity_poly.pdbx_seq_one_letter_code
;GSHHHDPLTGLPNRLLFESRLNHALDEAREESRPGAVLFIDLDRFKHINDSLGHPIGDLLLKAIAERLRDQLRDVDTVAR
LGGDEFIILLPGLHQESDAEHVARKLLNAFTAPFQADGHEFFVSASVGIALFPKDGDDAPTLVKNADAAMYRAKSRGRSR
IEYYTRELTYLATERMALETELRRALERDELQLYYQPKLSLESGLLVGAEALVRWYHPLFGEISPERFIPLAEDCGLILP
LGDWVLEHACQQMGEWQKLHAPFGPLSVNLAGAQLGQPQLIERLEQLLEQSGLEPSRLQLEITESFIMNQTEEALAVLHG
LKRLGVQLAIDDFGTGYSSLSYLKRLPLDILKIDKSFIRGLPDDPHDAAITRAIIALGRSMQLTVIAEGVETEGQQSFLT
HEGCEQIQGFVLSPPLPAELFASKFLKPRQPIGAPREAPV
;
_entity_poly.pdbx_strand_id   A,B
#
loop_
_chem_comp.id
_chem_comp.type
_chem_comp.name
_chem_comp.formula
CA non-polymer 'CALCIUM ION' 'Ca 2'
GTP non-polymer GUANOSINE-5'-TRIPHOSPHATE 'C10 H16 N5 O14 P3'
#
# COMPACT_ATOMS: atom_id res chain seq x y z
N HIS A 4 -32.40 8.20 -3.23
CA HIS A 4 -31.53 9.40 -3.41
C HIS A 4 -30.06 9.08 -3.10
N HIS A 5 -29.83 7.96 -2.43
CA HIS A 5 -28.47 7.49 -2.14
C HIS A 5 -28.25 6.09 -2.71
N ASP A 6 -27.03 5.81 -3.14
CA ASP A 6 -26.68 4.49 -3.65
C ASP A 6 -26.81 3.45 -2.53
N PRO A 7 -27.70 2.47 -2.73
CA PRO A 7 -27.95 1.45 -1.71
C PRO A 7 -26.68 0.71 -1.28
N LEU A 8 -25.90 0.23 -2.24
CA LEU A 8 -24.73 -0.58 -1.96
C LEU A 8 -23.74 0.11 -1.03
N THR A 9 -23.42 1.37 -1.34
CA THR A 9 -22.39 2.11 -0.60
C THR A 9 -22.96 3.19 0.31
N GLY A 10 -24.24 3.51 0.12
CA GLY A 10 -24.90 4.54 0.93
C GLY A 10 -24.48 5.94 0.55
N LEU A 11 -23.67 6.06 -0.51
CA LEU A 11 -23.16 7.34 -0.95
C LEU A 11 -24.18 8.07 -1.80
N PRO A 12 -24.14 9.41 -1.80
CA PRO A 12 -25.00 10.23 -2.65
C PRO A 12 -24.98 9.78 -4.09
N ASN A 13 -26.10 9.97 -4.79
CA ASN A 13 -26.20 9.60 -6.20
C ASN A 13 -25.76 10.76 -7.09
N ARG A 14 -25.62 10.47 -8.37
CA ARG A 14 -25.22 11.48 -9.35
C ARG A 14 -26.07 12.73 -9.23
N LEU A 15 -27.38 12.55 -9.06
CA LEU A 15 -28.31 13.68 -8.94
C LEU A 15 -27.94 14.58 -7.76
N LEU A 16 -28.02 14.03 -6.55
CA LEU A 16 -27.71 14.76 -5.33
C LEU A 16 -26.40 15.53 -5.47
N PHE A 17 -25.34 14.82 -5.88
CA PHE A 17 -24.04 15.43 -6.12
C PHE A 17 -24.18 16.73 -6.91
N GLU A 18 -24.88 16.66 -8.04
CA GLU A 18 -25.00 17.80 -8.94
C GLU A 18 -25.76 18.95 -8.28
N SER A 19 -26.59 18.63 -7.29
CA SER A 19 -27.27 19.66 -6.51
C SER A 19 -26.27 20.36 -5.62
N ARG A 20 -25.39 19.58 -5.00
CA ARG A 20 -24.36 20.12 -4.12
C ARG A 20 -23.40 20.99 -4.92
N LEU A 21 -22.97 20.46 -6.06
CA LEU A 21 -22.04 21.18 -6.94
C LEU A 21 -22.60 22.52 -7.35
N ASN A 22 -23.90 22.59 -7.63
CA ASN A 22 -24.53 23.85 -7.97
C ASN A 22 -24.34 24.87 -6.86
N HIS A 23 -24.74 24.49 -5.64
CA HIS A 23 -24.52 25.35 -4.47
C HIS A 23 -23.04 25.72 -4.35
N ALA A 24 -22.16 24.76 -4.60
CA ALA A 24 -20.73 25.04 -4.62
C ALA A 24 -20.37 26.08 -5.67
N LEU A 25 -21.02 25.99 -6.83
CA LEU A 25 -20.77 26.92 -7.94
C LEU A 25 -21.30 28.31 -7.62
N ASP A 26 -22.44 28.38 -6.93
CA ASP A 26 -22.99 29.63 -6.46
C ASP A 26 -22.02 30.24 -5.46
N GLU A 27 -21.62 29.41 -4.51
CA GLU A 27 -20.65 29.81 -3.50
C GLU A 27 -19.40 30.36 -4.17
N ALA A 28 -18.98 29.71 -5.25
CA ALA A 28 -17.79 30.13 -5.98
C ALA A 28 -17.94 31.54 -6.55
N ARG A 29 -19.06 31.82 -7.21
CA ARG A 29 -19.24 33.10 -7.89
C ARG A 29 -19.68 34.21 -6.93
N GLU A 30 -20.24 33.83 -5.79
CA GLU A 30 -20.67 34.80 -4.78
C GLU A 30 -19.50 35.31 -3.94
N GLU A 31 -18.62 34.40 -3.53
CA GLU A 31 -17.49 34.75 -2.66
C GLU A 31 -16.16 34.32 -3.25
N SER A 32 -16.02 34.45 -4.57
CA SER A 32 -14.78 34.13 -5.27
C SER A 32 -13.92 33.11 -4.53
N ARG A 33 -14.50 31.94 -4.27
CA ARG A 33 -13.79 30.83 -3.64
C ARG A 33 -13.80 29.62 -4.57
N PRO A 34 -12.66 29.33 -5.20
CA PRO A 34 -12.56 28.22 -6.17
C PRO A 34 -12.83 26.86 -5.56
N GLY A 35 -13.11 25.87 -6.41
CA GLY A 35 -13.37 24.52 -5.95
C GLY A 35 -12.80 23.46 -6.87
N ALA A 36 -12.91 22.20 -6.45
CA ALA A 36 -12.39 21.09 -7.25
C ALA A 36 -13.39 19.96 -7.39
N VAL A 37 -13.36 19.34 -8.57
CA VAL A 37 -14.15 18.14 -8.83
C VAL A 37 -13.18 17.04 -9.22
N LEU A 38 -13.13 15.99 -8.41
CA LEU A 38 -12.25 14.86 -8.66
C LEU A 38 -13.05 13.65 -9.14
N PHE A 39 -12.57 13.01 -10.20
CA PHE A 39 -13.20 11.82 -10.73
C PHE A 39 -12.27 10.63 -10.48
N ILE A 40 -12.77 9.64 -9.75
CA ILE A 40 -11.99 8.47 -9.41
C ILE A 40 -12.59 7.23 -10.04
N ASP A 41 -11.82 6.58 -10.90
CA ASP A 41 -12.21 5.32 -11.50
C ASP A 41 -11.19 4.26 -11.10
N LEU A 42 -11.67 3.08 -10.72
CA LEU A 42 -10.82 2.03 -10.20
C LEU A 42 -9.98 1.36 -11.30
N ASP A 43 -8.75 1.01 -10.95
CA ASP A 43 -7.83 0.39 -11.91
C ASP A 43 -8.12 -1.09 -12.09
N ARG A 44 -8.36 -1.47 -13.34
CA ARG A 44 -8.62 -2.86 -13.74
C ARG A 44 -9.49 -3.61 -12.73
N PHE A 45 -10.79 -3.28 -12.73
CA PHE A 45 -11.73 -3.87 -11.78
C PHE A 45 -12.46 -5.10 -12.34
N LYS A 46 -12.60 -5.18 -13.66
CA LYS A 46 -13.24 -6.35 -14.27
C LYS A 46 -12.47 -7.61 -13.90
N HIS A 47 -11.15 -7.57 -14.08
CA HIS A 47 -10.27 -8.69 -13.74
C HIS A 47 -10.48 -9.15 -12.30
N ILE A 48 -10.84 -8.22 -11.44
CA ILE A 48 -11.13 -8.52 -10.04
C ILE A 48 -12.51 -9.15 -9.90
N ASN A 49 -13.49 -8.66 -10.65
CA ASN A 49 -14.83 -9.23 -10.61
C ASN A 49 -14.84 -10.65 -11.16
N ASP A 50 -14.02 -10.91 -12.18
CA ASP A 50 -13.89 -12.25 -12.75
C ASP A 50 -13.01 -13.12 -11.85
N SER A 51 -11.88 -12.57 -11.42
CA SER A 51 -10.93 -13.31 -10.59
C SER A 51 -11.52 -13.70 -9.23
N LEU A 52 -12.29 -12.80 -8.62
CA LEU A 52 -12.78 -12.99 -7.25
C LEU A 52 -14.30 -13.02 -7.10
N GLY A 53 -15.02 -12.64 -8.16
CA GLY A 53 -16.48 -12.70 -8.15
C GLY A 53 -17.13 -11.51 -7.47
N HIS A 54 -18.35 -11.18 -7.89
CA HIS A 54 -19.10 -10.06 -7.34
C HIS A 54 -19.05 -9.96 -5.81
N PRO A 55 -19.25 -11.09 -5.11
CA PRO A 55 -19.16 -11.08 -3.65
C PRO A 55 -18.04 -10.18 -3.14
N ILE A 56 -16.82 -10.42 -3.62
CA ILE A 56 -15.66 -9.63 -3.22
C ILE A 56 -15.78 -8.19 -3.73
N GLY A 57 -16.20 -8.06 -4.99
CA GLY A 57 -16.38 -6.75 -5.60
C GLY A 57 -17.26 -5.83 -4.78
N ASP A 58 -18.55 -6.15 -4.70
CA ASP A 58 -19.51 -5.33 -3.96
C ASP A 58 -18.99 -4.93 -2.59
N LEU A 59 -18.15 -5.78 -2.00
CA LEU A 59 -17.55 -5.49 -0.70
C LEU A 59 -16.46 -4.44 -0.85
N LEU A 60 -15.50 -4.70 -1.74
CA LEU A 60 -14.38 -3.79 -1.96
C LEU A 60 -14.86 -2.36 -2.22
N LEU A 61 -15.97 -2.23 -2.93
CA LEU A 61 -16.56 -0.91 -3.19
C LEU A 61 -16.99 -0.25 -1.88
N LYS A 62 -17.65 -1.01 -1.01
CA LYS A 62 -18.06 -0.50 0.30
C LYS A 62 -16.84 -0.05 1.10
N ALA A 63 -15.77 -0.83 1.02
CA ALA A 63 -14.53 -0.52 1.73
C ALA A 63 -13.89 0.75 1.19
N ILE A 64 -13.73 0.81 -0.12
CA ILE A 64 -13.12 1.97 -0.76
C ILE A 64 -13.96 3.21 -0.46
N ALA A 65 -15.27 3.08 -0.61
CA ALA A 65 -16.19 4.18 -0.30
C ALA A 65 -15.85 4.80 1.06
N GLU A 66 -15.87 3.97 2.10
CA GLU A 66 -15.56 4.43 3.45
C GLU A 66 -14.20 5.15 3.48
N ARG A 67 -13.16 4.44 3.05
CA ARG A 67 -11.80 4.99 3.12
C ARG A 67 -11.68 6.31 2.37
N LEU A 68 -12.48 6.48 1.32
CA LEU A 68 -12.50 7.74 0.59
C LEU A 68 -13.13 8.83 1.45
N ARG A 69 -14.23 8.50 2.13
CA ARG A 69 -14.87 9.44 3.04
C ARG A 69 -13.94 9.84 4.18
N ASP A 70 -13.26 8.86 4.77
CA ASP A 70 -12.38 9.11 5.91
C ASP A 70 -11.18 9.99 5.56
N GLN A 71 -11.08 10.39 4.29
CA GLN A 71 -9.94 11.17 3.84
C GLN A 71 -10.31 12.63 3.62
N LEU A 72 -11.58 12.95 3.81
CA LEU A 72 -12.11 14.27 3.47
C LEU A 72 -12.83 14.92 4.65
N ARG A 73 -13.25 16.16 4.43
CA ARG A 73 -13.93 16.93 5.47
C ARG A 73 -15.43 16.84 5.25
N ASP A 74 -16.20 17.33 6.23
CA ASP A 74 -17.65 17.27 6.16
C ASP A 74 -18.21 18.20 5.09
N VAL A 75 -17.45 19.24 4.76
CA VAL A 75 -17.84 20.18 3.72
C VAL A 75 -17.80 19.51 2.36
N ASP A 76 -16.92 18.52 2.23
CA ASP A 76 -16.72 17.82 0.96
C ASP A 76 -17.84 16.82 0.69
N THR A 77 -17.96 16.40 -0.57
CA THR A 77 -18.97 15.43 -0.96
C THR A 77 -18.35 14.27 -1.73
N VAL A 78 -18.73 13.05 -1.37
CA VAL A 78 -18.25 11.86 -2.07
C VAL A 78 -19.45 11.08 -2.57
N ALA A 79 -19.51 10.86 -3.88
CA ALA A 79 -20.63 10.15 -4.48
C ALA A 79 -20.17 9.00 -5.36
N ARG A 80 -21.00 7.98 -5.48
CA ARG A 80 -20.80 6.93 -6.47
C ARG A 80 -21.63 7.29 -7.68
N LEU A 81 -20.99 7.38 -8.85
CA LEU A 81 -21.67 7.85 -10.05
C LEU A 81 -22.26 6.70 -10.85
N GLY A 82 -22.12 5.49 -10.32
CA GLY A 82 -22.52 4.29 -11.05
C GLY A 82 -21.28 3.58 -11.54
N GLY A 83 -21.36 2.25 -11.60
CA GLY A 83 -20.19 1.45 -11.96
C GLY A 83 -19.12 1.57 -10.89
N ASP A 84 -17.86 1.44 -11.30
CA ASP A 84 -16.74 1.52 -10.36
C ASP A 84 -16.18 2.94 -10.33
N GLU A 85 -17.07 3.93 -10.22
CA GLU A 85 -16.68 5.32 -10.38
C GLU A 85 -17.21 6.21 -9.26
N PHE A 86 -16.28 6.90 -8.60
CA PHE A 86 -16.61 7.80 -7.51
C PHE A 86 -16.26 9.24 -7.87
N ILE A 87 -17.23 10.13 -7.73
CA ILE A 87 -17.01 11.55 -8.00
C ILE A 87 -16.94 12.30 -6.68
N ILE A 88 -15.97 13.20 -6.57
CA ILE A 88 -15.69 13.90 -5.32
C ILE A 88 -15.71 15.40 -5.51
N LEU A 89 -16.34 16.09 -4.57
CA LEU A 89 -16.51 17.54 -4.63
C LEU A 89 -15.76 18.21 -3.48
N LEU A 90 -14.81 19.08 -3.82
CA LEU A 90 -14.08 19.86 -2.82
C LEU A 90 -14.41 21.34 -2.98
N PRO A 91 -15.39 21.84 -2.21
CA PRO A 91 -15.80 23.23 -2.30
C PRO A 91 -15.08 24.08 -1.27
N GLY A 92 -15.03 25.38 -1.51
CA GLY A 92 -14.41 26.31 -0.58
C GLY A 92 -12.92 26.11 -0.43
N LEU A 93 -12.24 25.91 -1.56
CA LEU A 93 -10.79 25.87 -1.55
C LEU A 93 -10.27 27.28 -1.32
N HIS A 94 -9.32 27.42 -0.39
CA HIS A 94 -8.70 28.72 -0.15
C HIS A 94 -7.81 29.07 -1.33
N GLN A 95 -7.06 28.07 -1.81
CA GLN A 95 -6.19 28.24 -2.96
C GLN A 95 -6.44 27.10 -3.95
N GLU A 96 -6.17 27.37 -5.22
CA GLU A 96 -6.42 26.41 -6.29
C GLU A 96 -5.51 25.18 -6.15
N SER A 97 -4.32 25.38 -5.59
CA SER A 97 -3.36 24.30 -5.43
C SER A 97 -3.69 23.34 -4.29
N ASP A 98 -4.72 23.67 -3.50
CA ASP A 98 -5.13 22.82 -2.39
C ASP A 98 -5.62 21.46 -2.89
N ALA A 99 -6.38 21.47 -3.98
CA ALA A 99 -6.93 20.25 -4.57
C ALA A 99 -5.85 19.18 -4.74
N GLU A 100 -4.60 19.62 -4.80
CA GLU A 100 -3.47 18.73 -5.01
C GLU A 100 -3.27 17.83 -3.80
N HIS A 101 -3.00 18.44 -2.65
CA HIS A 101 -2.74 17.70 -1.42
C HIS A 101 -3.88 16.72 -1.08
N VAL A 102 -5.11 17.10 -1.38
CA VAL A 102 -6.26 16.24 -1.10
C VAL A 102 -6.33 15.10 -2.13
N ALA A 103 -5.80 15.34 -3.33
CA ALA A 103 -5.76 14.33 -4.36
C ALA A 103 -4.82 13.19 -3.98
N ARG A 104 -3.61 13.55 -3.53
CA ARG A 104 -2.61 12.57 -3.12
C ARG A 104 -3.12 11.71 -1.97
N LYS A 105 -3.78 12.33 -1.00
CA LYS A 105 -4.38 11.59 0.11
C LYS A 105 -5.28 10.49 -0.43
N LEU A 106 -6.19 10.89 -1.31
CA LEU A 106 -7.13 9.98 -1.93
C LEU A 106 -6.41 8.89 -2.71
N LEU A 107 -5.40 9.27 -3.48
CA LEU A 107 -4.59 8.31 -4.21
C LEU A 107 -3.82 7.39 -3.25
N ASN A 108 -3.36 7.95 -2.13
CA ASN A 108 -2.58 7.19 -1.15
C ASN A 108 -3.44 6.26 -0.31
N ALA A 109 -4.74 6.54 -0.24
CA ALA A 109 -5.66 5.65 0.45
C ALA A 109 -5.58 4.25 -0.17
N PHE A 110 -5.24 4.20 -1.46
CA PHE A 110 -5.22 2.94 -2.20
C PHE A 110 -3.90 2.16 -2.06
N THR A 111 -2.85 2.81 -1.57
CA THR A 111 -1.55 2.16 -1.42
C THR A 111 -1.62 0.96 -0.49
N ALA A 112 -2.35 1.12 0.61
CA ALA A 112 -2.56 0.04 1.55
C ALA A 112 -3.53 -0.99 0.97
N PRO A 113 -3.65 -2.17 1.61
CA PRO A 113 -4.56 -3.21 1.15
C PRO A 113 -6.00 -2.95 1.59
N PHE A 114 -6.90 -3.88 1.30
CA PHE A 114 -8.31 -3.73 1.67
C PHE A 114 -8.86 -4.96 2.38
N PHE A 121 -6.32 -8.11 -0.19
CA PHE A 121 -6.78 -7.70 -1.52
C PHE A 121 -6.38 -6.25 -1.81
N PHE A 122 -5.60 -6.06 -2.87
CA PHE A 122 -5.10 -4.74 -3.25
C PHE A 122 -5.76 -4.23 -4.54
N VAL A 123 -6.24 -3.00 -4.50
CA VAL A 123 -6.80 -2.37 -5.69
C VAL A 123 -6.14 -1.02 -5.91
N SER A 124 -6.26 -0.51 -7.13
CA SER A 124 -5.70 0.78 -7.47
C SER A 124 -6.75 1.64 -8.16
N ALA A 125 -6.47 2.93 -8.29
CA ALA A 125 -7.40 3.83 -8.94
C ALA A 125 -6.69 5.02 -9.57
N SER A 126 -7.30 5.54 -10.63
CA SER A 126 -6.79 6.72 -11.33
C SER A 126 -7.68 7.91 -11.03
N VAL A 127 -7.07 9.07 -10.81
CA VAL A 127 -7.83 10.26 -10.46
C VAL A 127 -7.72 11.33 -11.53
N GLY A 128 -8.84 11.98 -11.84
CA GLY A 128 -8.85 13.13 -12.72
C GLY A 128 -9.33 14.35 -11.96
N ILE A 129 -8.59 15.44 -12.05
CA ILE A 129 -8.98 16.66 -11.35
C ILE A 129 -9.50 17.71 -12.33
N ALA A 130 -10.64 18.31 -12.00
CA ALA A 130 -11.15 19.45 -12.74
C ALA A 130 -11.46 20.58 -11.76
N LEU A 131 -10.71 21.67 -11.87
CA LEU A 131 -10.92 22.82 -10.99
C LEU A 131 -12.04 23.68 -11.53
N PHE A 132 -12.74 24.38 -10.64
CA PHE A 132 -13.71 25.37 -11.06
C PHE A 132 -13.51 26.68 -10.29
N PRO A 133 -13.81 27.80 -10.94
CA PRO A 133 -14.44 27.80 -12.26
C PRO A 133 -13.47 27.70 -13.45
N LYS A 134 -12.17 27.55 -13.18
CA LYS A 134 -11.17 27.49 -14.23
C LYS A 134 -11.57 26.53 -15.37
N ASP A 135 -11.84 25.28 -15.03
CA ASP A 135 -12.08 24.24 -16.02
C ASP A 135 -13.57 23.95 -16.26
N GLY A 136 -14.44 24.86 -15.85
CA GLY A 136 -15.87 24.66 -16.02
C GLY A 136 -16.71 25.42 -15.02
N ASP A 137 -17.90 25.84 -15.44
CA ASP A 137 -18.76 26.66 -14.60
C ASP A 137 -20.14 26.02 -14.40
N ASP A 138 -20.26 24.75 -14.74
CA ASP A 138 -21.50 24.02 -14.51
C ASP A 138 -21.24 22.51 -14.34
N ALA A 139 -22.23 21.81 -13.78
CA ALA A 139 -22.06 20.41 -13.38
C ALA A 139 -21.62 19.48 -14.51
N PRO A 140 -22.44 19.39 -15.57
CA PRO A 140 -22.11 18.50 -16.68
C PRO A 140 -20.71 18.74 -17.24
N THR A 141 -20.34 20.00 -17.41
CA THR A 141 -19.05 20.34 -17.98
C THR A 141 -17.92 19.88 -17.08
N LEU A 142 -18.00 20.25 -15.81
CA LEU A 142 -16.99 19.86 -14.83
C LEU A 142 -16.87 18.34 -14.72
N VAL A 143 -18.01 17.66 -14.57
CA VAL A 143 -18.00 16.20 -14.51
C VAL A 143 -17.36 15.64 -15.77
N LYS A 144 -17.75 16.19 -16.92
CA LYS A 144 -17.24 15.72 -18.21
C LYS A 144 -15.73 15.90 -18.30
N ASN A 145 -15.24 17.04 -17.82
CA ASN A 145 -13.81 17.33 -17.87
C ASN A 145 -13.02 16.45 -16.89
N ALA A 146 -13.46 16.42 -15.63
CA ALA A 146 -12.79 15.57 -14.64
C ALA A 146 -12.61 14.15 -15.18
N ASP A 147 -13.68 13.63 -15.80
CA ASP A 147 -13.65 12.32 -16.43
C ASP A 147 -12.56 12.25 -17.50
N ALA A 148 -12.51 13.27 -18.36
CA ALA A 148 -11.51 13.34 -19.41
C ALA A 148 -10.10 13.32 -18.80
N ALA A 149 -9.93 14.02 -17.69
CA ALA A 149 -8.67 13.99 -16.96
C ALA A 149 -8.37 12.58 -16.48
N MET A 150 -9.35 11.97 -15.83
CA MET A 150 -9.20 10.59 -15.34
C MET A 150 -8.69 9.68 -16.46
N TYR A 151 -9.29 9.79 -17.64
CA TYR A 151 -8.85 8.98 -18.79
C TYR A 151 -7.40 9.20 -19.14
N ARG A 152 -6.92 10.43 -18.97
CA ARG A 152 -5.52 10.73 -19.22
C ARG A 152 -4.61 10.04 -18.22
N ALA A 153 -5.14 9.79 -17.02
CA ALA A 153 -4.41 9.02 -16.01
C ALA A 153 -4.31 7.57 -16.43
N LYS A 154 -5.36 7.08 -17.08
CA LYS A 154 -5.35 5.75 -17.69
C LYS A 154 -4.33 5.72 -18.82
N SER A 155 -4.35 6.78 -19.63
CA SER A 155 -3.46 6.93 -20.76
C SER A 155 -2.01 6.82 -20.32
N ARG A 156 -1.66 7.59 -19.28
CA ARG A 156 -0.28 7.64 -18.79
C ARG A 156 -0.01 6.62 -17.70
N GLY A 157 0.04 5.35 -18.09
CA GLY A 157 0.16 4.27 -17.11
C GLY A 157 -1.12 4.21 -16.31
N ARG A 158 -1.00 4.01 -15.01
CA ARG A 158 -2.18 4.01 -14.15
C ARG A 158 -1.82 4.40 -12.72
N SER A 159 -2.79 4.30 -11.83
CA SER A 159 -2.55 4.59 -10.42
C SER A 159 -1.90 5.96 -10.26
N ARG A 160 -2.51 6.97 -10.86
CA ARG A 160 -1.96 8.32 -10.83
C ARG A 160 -3.04 9.37 -10.99
N ILE A 161 -2.69 10.62 -10.74
CA ILE A 161 -3.63 11.72 -10.87
C ILE A 161 -3.20 12.63 -12.01
N GLU A 162 -4.19 13.13 -12.75
CA GLU A 162 -3.95 14.05 -13.85
C GLU A 162 -4.92 15.20 -13.75
N TYR A 163 -4.50 16.35 -14.26
CA TYR A 163 -5.33 17.54 -14.28
C TYR A 163 -5.99 17.68 -15.64
N TYR A 164 -7.06 18.47 -15.69
CA TYR A 164 -7.72 18.72 -16.96
C TYR A 164 -6.94 19.75 -17.76
N THR A 165 -6.75 19.46 -19.04
CA THR A 165 -6.18 20.41 -19.98
C THR A 165 -7.04 20.41 -21.25
N ARG A 166 -7.32 21.60 -21.77
CA ARG A 166 -8.20 21.76 -22.92
C ARG A 166 -8.15 20.58 -23.90
N GLU A 167 -6.95 20.19 -24.29
CA GLU A 167 -6.77 19.18 -25.34
C GLU A 167 -7.29 17.79 -24.98
N LEU A 168 -7.12 17.38 -23.72
CA LEU A 168 -7.28 15.97 -23.37
C LEU A 168 -8.73 15.49 -23.25
N THR A 169 -9.69 16.33 -23.62
CA THR A 169 -11.07 15.88 -23.75
C THR A 169 -11.21 15.10 -25.05
N TYR A 170 -10.55 15.61 -26.09
CA TYR A 170 -10.52 14.95 -27.39
C TYR A 170 -9.64 13.70 -27.35
N LEU A 171 -8.53 13.78 -26.62
CA LEU A 171 -7.62 12.64 -26.49
C LEU A 171 -8.35 11.44 -25.89
N ALA A 172 -9.28 11.72 -24.98
CA ALA A 172 -10.07 10.68 -24.36
C ALA A 172 -10.98 9.99 -25.38
N THR A 173 -11.72 10.79 -26.15
CA THR A 173 -12.64 10.23 -27.15
C THR A 173 -11.88 9.58 -28.31
N GLU A 174 -10.65 10.02 -28.54
CA GLU A 174 -9.82 9.44 -29.60
C GLU A 174 -9.47 7.99 -29.26
N ARG A 175 -8.92 7.79 -28.07
CA ARG A 175 -8.58 6.46 -27.58
C ARG A 175 -9.76 5.51 -27.70
N MET A 176 -10.94 5.99 -27.34
CA MET A 176 -12.16 5.21 -27.46
C MET A 176 -12.37 4.78 -28.92
N ALA A 177 -12.12 5.69 -29.85
CA ALA A 177 -12.30 5.42 -31.26
C ALA A 177 -11.32 4.34 -31.72
N LEU A 178 -10.08 4.46 -31.28
CA LEU A 178 -9.03 3.52 -31.67
C LEU A 178 -9.39 2.08 -31.30
N GLU A 179 -10.10 1.91 -30.19
CA GLU A 179 -10.46 0.58 -29.73
C GLU A 179 -11.28 -0.18 -30.76
N THR A 180 -12.21 0.52 -31.42
CA THR A 180 -13.05 -0.13 -32.43
C THR A 180 -12.24 -0.40 -33.70
N GLU A 181 -11.40 0.57 -34.07
CA GLU A 181 -10.59 0.44 -35.29
C GLU A 181 -9.55 -0.66 -35.16
N LEU A 182 -9.10 -0.91 -33.93
CA LEU A 182 -8.09 -1.93 -33.69
C LEU A 182 -8.61 -3.29 -34.14
N ARG A 183 -9.94 -3.46 -34.09
CA ARG A 183 -10.58 -4.67 -34.57
C ARG A 183 -10.36 -4.90 -36.07
N ARG A 184 -10.20 -3.82 -36.83
CA ARG A 184 -9.95 -3.91 -38.26
C ARG A 184 -8.47 -3.86 -38.61
N ALA A 185 -7.62 -3.67 -37.61
CA ALA A 185 -6.19 -3.45 -37.84
C ALA A 185 -5.54 -4.52 -38.70
N LEU A 186 -5.83 -5.79 -38.43
CA LEU A 186 -5.26 -6.90 -39.19
C LEU A 186 -5.84 -7.00 -40.60
N GLU A 187 -7.17 -6.99 -40.68
CA GLU A 187 -7.86 -7.05 -41.97
C GLU A 187 -7.25 -6.03 -42.93
N ARG A 188 -6.97 -4.84 -42.41
CA ARG A 188 -6.20 -3.84 -43.14
C ARG A 188 -4.74 -4.10 -42.80
N ASP A 189 -3.83 -3.80 -43.72
CA ASP A 189 -2.43 -4.14 -43.53
C ASP A 189 -1.75 -3.08 -42.65
N GLU A 190 -2.26 -2.90 -41.43
CA GLU A 190 -1.89 -1.75 -40.63
C GLU A 190 -0.84 -2.02 -39.55
N LEU A 191 -0.45 -3.27 -39.38
CA LEU A 191 0.52 -3.62 -38.35
C LEU A 191 1.91 -3.89 -38.92
N GLN A 192 2.91 -3.30 -38.30
CA GLN A 192 4.31 -3.52 -38.68
C GLN A 192 5.16 -3.79 -37.47
N LEU A 193 6.32 -4.40 -37.69
CA LEU A 193 7.31 -4.57 -36.63
C LEU A 193 8.55 -3.76 -36.95
N TYR A 194 8.95 -2.91 -36.01
CA TYR A 194 10.21 -2.20 -36.13
C TYR A 194 11.20 -2.84 -35.18
N TYR A 195 12.49 -2.65 -35.45
CA TYR A 195 13.53 -3.31 -34.67
C TYR A 195 14.59 -2.32 -34.19
N GLN A 196 14.94 -2.43 -32.92
CA GLN A 196 15.90 -1.53 -32.31
C GLN A 196 17.11 -2.32 -31.81
N PRO A 197 18.32 -1.84 -32.12
CA PRO A 197 19.53 -2.55 -31.74
C PRO A 197 19.88 -2.38 -30.26
N LYS A 198 20.64 -3.33 -29.72
CA LYS A 198 21.19 -3.25 -28.37
C LYS A 198 22.70 -3.29 -28.45
N LEU A 199 23.36 -2.64 -27.50
CA LEU A 199 24.81 -2.50 -27.52
C LEU A 199 25.35 -2.88 -26.15
N SER A 200 26.45 -3.64 -26.12
CA SER A 200 27.12 -3.94 -24.86
C SER A 200 28.27 -2.96 -24.68
N LEU A 201 28.44 -2.44 -23.47
CA LEU A 201 29.43 -1.40 -23.21
C LEU A 201 30.85 -1.97 -23.03
N GLU A 202 30.95 -3.17 -22.45
CA GLU A 202 32.24 -3.84 -22.31
C GLU A 202 32.93 -3.89 -23.68
N SER A 203 32.34 -4.65 -24.61
CA SER A 203 32.76 -4.60 -26.01
C SER A 203 32.02 -3.43 -26.67
N GLY A 204 32.19 -3.29 -27.97
CA GLY A 204 31.45 -2.26 -28.71
C GLY A 204 30.47 -2.90 -29.66
N LEU A 205 30.07 -4.12 -29.35
CA LEU A 205 29.34 -4.95 -30.30
C LEU A 205 27.84 -4.99 -30.11
N LEU A 206 27.15 -5.25 -31.21
CA LEU A 206 25.72 -5.52 -31.20
C LEU A 206 25.48 -6.82 -30.44
N VAL A 207 24.54 -6.81 -29.50
CA VAL A 207 24.27 -7.98 -28.68
C VAL A 207 22.82 -8.45 -28.75
N GLY A 208 22.04 -7.85 -29.65
CA GLY A 208 20.63 -8.22 -29.81
C GLY A 208 19.77 -7.07 -30.25
N ALA A 209 18.46 -7.30 -30.32
CA ALA A 209 17.52 -6.28 -30.77
C ALA A 209 16.16 -6.46 -30.11
N GLU A 210 15.31 -5.43 -30.21
CA GLU A 210 13.93 -5.53 -29.73
C GLU A 210 12.92 -5.26 -30.83
N ALA A 211 11.86 -6.05 -30.83
CA ALA A 211 10.77 -5.88 -31.77
C ALA A 211 9.71 -4.96 -31.16
N LEU A 212 9.28 -3.97 -31.94
CA LEU A 212 8.27 -3.03 -31.50
C LEU A 212 7.12 -3.00 -32.50
N VAL A 213 5.89 -2.90 -32.01
CA VAL A 213 4.72 -2.94 -32.87
C VAL A 213 4.28 -1.54 -33.31
N ARG A 214 4.26 -1.32 -34.62
CA ARG A 214 3.80 -0.07 -35.19
C ARG A 214 2.42 -0.26 -35.81
N TRP A 215 1.47 0.57 -35.38
CA TRP A 215 0.12 0.54 -35.95
C TRP A 215 -0.14 1.84 -36.70
N TYR A 216 -0.52 1.73 -37.97
CA TYR A 216 -0.86 2.91 -38.76
C TYR A 216 -2.36 2.99 -39.03
N HIS A 217 -2.90 4.21 -38.99
CA HIS A 217 -4.30 4.43 -39.33
C HIS A 217 -4.44 5.73 -40.15
N PRO A 218 -5.36 5.74 -41.13
CA PRO A 218 -5.54 6.89 -42.01
C PRO A 218 -6.09 8.13 -41.31
N LEU A 219 -6.97 7.93 -40.33
CA LEU A 219 -7.53 9.05 -39.56
C LEU A 219 -6.59 9.58 -38.48
N PHE A 220 -5.99 8.68 -37.72
CA PHE A 220 -5.26 9.06 -36.51
C PHE A 220 -3.75 8.99 -36.66
N GLY A 221 -3.29 8.46 -37.80
CA GLY A 221 -1.87 8.44 -38.11
C GLY A 221 -1.12 7.27 -37.51
N GLU A 222 0.13 7.53 -37.11
CA GLU A 222 1.00 6.52 -36.52
C GLU A 222 0.74 6.42 -35.03
N ILE A 223 0.31 5.24 -34.58
CA ILE A 223 0.07 5.01 -33.15
C ILE A 223 1.28 4.33 -32.52
N SER A 224 1.69 4.82 -31.35
CA SER A 224 2.88 4.31 -30.67
C SER A 224 2.59 3.02 -29.89
N PRO A 225 3.55 2.09 -29.91
CA PRO A 225 3.44 0.79 -29.24
C PRO A 225 3.04 0.91 -27.78
N GLU A 226 3.64 1.88 -27.09
CA GLU A 226 3.36 2.14 -25.68
C GLU A 226 1.87 2.37 -25.48
N ARG A 227 1.22 2.99 -26.47
CA ARG A 227 -0.20 3.31 -26.39
C ARG A 227 -1.04 2.23 -27.07
N PHE A 228 -0.39 1.41 -27.89
CA PHE A 228 -1.07 0.37 -28.66
C PHE A 228 -1.52 -0.81 -27.79
N ILE A 229 -0.59 -1.38 -27.02
CA ILE A 229 -0.90 -2.59 -26.25
C ILE A 229 -2.06 -2.39 -25.27
N PRO A 230 -1.97 -1.36 -24.41
CA PRO A 230 -3.08 -1.05 -23.51
C PRO A 230 -4.43 -1.10 -24.22
N LEU A 231 -4.51 -0.49 -25.40
CA LEU A 231 -5.73 -0.51 -26.19
C LEU A 231 -6.17 -1.94 -26.50
N ALA A 232 -5.22 -2.74 -26.98
CA ALA A 232 -5.50 -4.14 -27.32
C ALA A 232 -6.00 -4.90 -26.10
N GLU A 233 -5.42 -4.59 -24.95
CA GLU A 233 -5.86 -5.18 -23.69
C GLU A 233 -7.30 -4.76 -23.39
N ASP A 234 -7.55 -3.46 -23.51
CA ASP A 234 -8.86 -2.90 -23.19
C ASP A 234 -9.99 -3.53 -24.00
N CYS A 235 -9.75 -3.76 -25.29
CA CYS A 235 -10.78 -4.33 -26.16
C CYS A 235 -10.64 -5.84 -26.35
N GLY A 236 -9.83 -6.48 -25.51
CA GLY A 236 -9.71 -7.94 -25.50
C GLY A 236 -9.17 -8.56 -26.77
N LEU A 237 -8.28 -7.84 -27.45
CA LEU A 237 -7.65 -8.35 -28.67
C LEU A 237 -6.17 -8.65 -28.44
N ILE A 238 -5.74 -8.51 -27.19
CA ILE A 238 -4.34 -8.70 -26.83
C ILE A 238 -3.84 -10.09 -27.23
N LEU A 239 -4.66 -11.11 -27.02
CA LEU A 239 -4.27 -12.48 -27.37
C LEU A 239 -3.99 -12.62 -28.87
N PRO A 240 -5.03 -12.43 -29.69
CA PRO A 240 -4.90 -12.50 -31.15
C PRO A 240 -3.78 -11.60 -31.68
N LEU A 241 -3.68 -10.38 -31.19
CA LEU A 241 -2.64 -9.47 -31.66
C LEU A 241 -1.27 -9.92 -31.16
N GLY A 242 -1.20 -10.27 -29.89
CA GLY A 242 0.04 -10.76 -29.30
C GLY A 242 0.60 -11.94 -30.07
N ASP A 243 -0.31 -12.87 -30.42
CA ASP A 243 0.10 -14.05 -31.19
C ASP A 243 0.69 -13.63 -32.52
N TRP A 244 0.06 -12.65 -33.16
CA TRP A 244 0.55 -12.11 -34.43
C TRP A 244 1.95 -11.54 -34.25
N VAL A 245 2.13 -10.78 -33.17
CA VAL A 245 3.43 -10.16 -32.91
C VAL A 245 4.50 -11.22 -32.66
N LEU A 246 4.20 -12.18 -31.78
CA LEU A 246 5.13 -13.26 -31.49
C LEU A 246 5.56 -14.00 -32.75
N GLU A 247 4.58 -14.43 -33.53
CA GLU A 247 4.86 -15.22 -34.73
C GLU A 247 5.72 -14.45 -35.71
N HIS A 248 5.40 -13.18 -35.91
CA HIS A 248 6.13 -12.37 -36.88
C HIS A 248 7.53 -12.04 -36.39
N ALA A 249 7.68 -11.86 -35.08
CA ALA A 249 8.99 -11.69 -34.49
C ALA A 249 9.81 -12.95 -34.74
N CYS A 250 9.23 -14.11 -34.41
CA CYS A 250 9.89 -15.38 -34.64
C CYS A 250 10.29 -15.54 -36.11
N GLN A 251 9.35 -15.26 -37.01
CA GLN A 251 9.61 -15.38 -38.44
C GLN A 251 10.80 -14.53 -38.86
N GLN A 252 10.84 -13.29 -38.38
CA GLN A 252 11.91 -12.38 -38.76
C GLN A 252 13.26 -12.91 -38.30
N MET A 253 13.31 -13.35 -37.05
CA MET A 253 14.54 -13.89 -36.50
C MET A 253 14.95 -15.15 -37.26
N GLY A 254 13.98 -16.00 -37.58
CA GLY A 254 14.24 -17.20 -38.36
C GLY A 254 14.86 -16.86 -39.70
N GLU A 255 14.32 -15.83 -40.34
CA GLU A 255 14.83 -15.39 -41.64
C GLU A 255 16.25 -14.87 -41.52
N TRP A 256 16.50 -14.02 -40.54
CA TRP A 256 17.82 -13.41 -40.36
C TRP A 256 18.89 -14.44 -40.03
N GLN A 257 18.48 -15.49 -39.33
CA GLN A 257 19.41 -16.56 -38.95
C GLN A 257 20.01 -17.22 -40.20
N LYS A 258 19.24 -17.21 -41.29
CA LYS A 258 19.68 -17.81 -42.55
C LYS A 258 20.54 -16.86 -43.38
N LEU A 259 20.08 -15.62 -43.52
CA LEU A 259 20.73 -14.67 -44.43
C LEU A 259 21.70 -13.71 -43.74
N HIS A 260 21.91 -13.87 -42.43
CA HIS A 260 22.75 -12.95 -41.67
C HIS A 260 23.43 -13.62 -40.48
N ALA A 261 24.59 -13.08 -40.10
CA ALA A 261 25.35 -13.60 -38.96
C ALA A 261 24.64 -13.31 -37.64
N PRO A 262 24.85 -14.18 -36.63
CA PRO A 262 24.20 -13.98 -35.33
C PRO A 262 24.57 -12.66 -34.67
N PHE A 263 23.61 -12.11 -33.92
CA PHE A 263 23.82 -10.86 -33.18
C PHE A 263 23.25 -10.96 -31.76
N GLY A 264 22.81 -12.17 -31.37
CA GLY A 264 22.19 -12.38 -30.08
C GLY A 264 20.70 -12.67 -30.23
N PRO A 265 19.97 -12.66 -29.10
CA PRO A 265 18.52 -12.91 -29.08
C PRO A 265 17.65 -11.72 -29.50
N LEU A 266 16.42 -12.01 -29.91
CA LEU A 266 15.44 -10.99 -30.29
C LEU A 266 14.40 -10.83 -29.17
N SER A 267 14.16 -9.59 -28.79
CA SER A 267 13.34 -9.29 -27.61
C SER A 267 11.94 -8.83 -27.99
N VAL A 268 10.95 -9.18 -27.16
CA VAL A 268 9.56 -8.82 -27.42
C VAL A 268 8.79 -8.59 -26.12
N ASN A 269 7.95 -7.57 -26.09
CA ASN A 269 7.07 -7.33 -24.95
C ASN A 269 6.03 -8.45 -24.88
N LEU A 270 5.79 -8.95 -23.67
CA LEU A 270 4.75 -9.94 -23.46
C LEU A 270 3.76 -9.41 -22.45
N ALA A 271 2.51 -9.23 -22.88
CA ALA A 271 1.46 -8.73 -22.01
C ALA A 271 1.07 -9.78 -20.97
N GLY A 272 0.77 -9.32 -19.76
CA GLY A 272 0.36 -10.21 -18.68
C GLY A 272 -0.77 -11.13 -19.11
N ALA A 273 -1.74 -10.57 -19.82
CA ALA A 273 -2.87 -11.34 -20.31
C ALA A 273 -2.39 -12.54 -21.12
N GLN A 274 -1.32 -12.34 -21.87
CA GLN A 274 -0.72 -13.43 -22.64
C GLN A 274 -0.09 -14.45 -21.70
N LEU A 275 0.58 -13.94 -20.67
CA LEU A 275 1.21 -14.81 -19.68
C LEU A 275 0.14 -15.64 -19.00
N GLY A 276 -1.09 -15.13 -18.98
CA GLY A 276 -2.22 -15.82 -18.37
C GLY A 276 -2.81 -16.94 -19.21
N GLN A 277 -2.51 -16.94 -20.51
CA GLN A 277 -3.03 -17.98 -21.40
C GLN A 277 -2.62 -19.37 -20.94
N PRO A 278 -3.43 -20.38 -21.28
CA PRO A 278 -3.14 -21.77 -20.90
C PRO A 278 -2.25 -22.53 -21.90
N GLN A 279 -2.25 -22.11 -23.16
CA GLN A 279 -1.50 -22.85 -24.20
C GLN A 279 -0.30 -22.05 -24.72
N LEU A 280 0.13 -21.05 -23.98
CA LEU A 280 1.22 -20.18 -24.41
C LEU A 280 2.49 -20.96 -24.68
N ILE A 281 2.96 -21.71 -23.68
CA ILE A 281 4.23 -22.42 -23.77
C ILE A 281 4.25 -23.37 -24.96
N GLU A 282 3.14 -24.10 -25.15
CA GLU A 282 3.00 -25.01 -26.27
C GLU A 282 2.97 -24.23 -27.58
N ARG A 283 2.36 -23.06 -27.54
CA ARG A 283 2.27 -22.20 -28.72
C ARG A 283 3.67 -21.74 -29.14
N LEU A 284 4.45 -21.27 -28.17
CA LEU A 284 5.81 -20.79 -28.45
C LEU A 284 6.70 -21.88 -29.03
N GLU A 285 6.71 -23.05 -28.40
CA GLU A 285 7.42 -24.20 -28.95
C GLU A 285 7.19 -24.25 -30.46
N GLN A 286 5.93 -24.38 -30.83
CA GLN A 286 5.53 -24.49 -32.22
C GLN A 286 6.16 -23.39 -33.07
N LEU A 287 6.03 -22.14 -32.61
CA LEU A 287 6.53 -20.98 -33.36
C LEU A 287 8.05 -21.00 -33.52
N LEU A 288 8.75 -21.41 -32.46
CA LEU A 288 10.20 -21.50 -32.49
C LEU A 288 10.66 -22.57 -33.47
N GLU A 289 9.97 -23.71 -33.46
CA GLU A 289 10.30 -24.82 -34.37
C GLU A 289 10.19 -24.42 -35.84
N GLN A 290 9.05 -23.84 -36.21
CA GLN A 290 8.79 -23.46 -37.59
C GLN A 290 9.89 -22.57 -38.18
N SER A 291 10.35 -21.61 -37.39
CA SER A 291 11.39 -20.70 -37.83
C SER A 291 12.79 -21.28 -37.62
N GLY A 292 12.83 -22.48 -37.05
CA GLY A 292 14.10 -23.17 -36.81
C GLY A 292 14.96 -22.40 -35.84
N LEU A 293 14.35 -22.00 -34.73
CA LEU A 293 15.01 -21.14 -33.75
C LEU A 293 15.27 -21.87 -32.45
N GLU A 294 16.51 -21.81 -31.99
CA GLU A 294 16.85 -22.29 -30.67
C GLU A 294 16.17 -21.36 -29.67
N PRO A 295 15.43 -21.93 -28.70
CA PRO A 295 14.60 -21.17 -27.77
C PRO A 295 15.27 -19.94 -27.16
N SER A 296 16.55 -20.06 -26.82
CA SER A 296 17.25 -18.97 -26.14
C SER A 296 17.41 -17.74 -27.03
N ARG A 297 17.16 -17.93 -28.32
CA ARG A 297 17.27 -16.82 -29.29
C ARG A 297 16.08 -15.87 -29.17
N LEU A 298 15.07 -16.25 -28.41
CA LEU A 298 13.90 -15.40 -28.18
C LEU A 298 13.82 -14.92 -26.74
N GLN A 299 13.64 -13.61 -26.57
CA GLN A 299 13.59 -13.00 -25.24
C GLN A 299 12.25 -12.31 -25.00
N LEU A 300 11.57 -12.71 -23.93
CA LEU A 300 10.27 -12.14 -23.58
C LEU A 300 10.40 -11.10 -22.45
N GLU A 301 9.93 -9.88 -22.73
CA GLU A 301 10.00 -8.78 -21.78
C GLU A 301 8.67 -8.60 -21.07
N ILE A 302 8.65 -8.82 -19.76
CA ILE A 302 7.45 -8.60 -18.96
C ILE A 302 7.62 -7.34 -18.11
N THR A 303 6.67 -6.42 -18.22
CA THR A 303 6.75 -5.14 -17.51
C THR A 303 6.66 -5.33 -15.99
N GLU A 304 7.53 -4.62 -15.27
CA GLU A 304 7.62 -4.74 -13.82
C GLU A 304 6.27 -4.60 -13.14
N SER A 305 5.56 -3.52 -13.46
CA SER A 305 4.31 -3.17 -12.79
C SER A 305 3.32 -4.33 -12.74
N PHE A 306 3.31 -5.17 -13.79
CA PHE A 306 2.47 -6.35 -13.79
C PHE A 306 3.00 -7.41 -12.83
N ILE A 307 4.29 -7.69 -12.93
CA ILE A 307 4.90 -8.73 -12.10
C ILE A 307 4.77 -8.38 -10.62
N MET A 308 4.85 -7.10 -10.31
CA MET A 308 4.80 -6.63 -8.93
C MET A 308 3.41 -6.09 -8.57
N ASN A 309 2.39 -6.91 -8.81
CA ASN A 309 1.03 -6.52 -8.46
C ASN A 309 0.64 -7.13 -7.12
N GLN A 310 1.63 -7.34 -6.26
CA GLN A 310 1.41 -7.89 -4.91
C GLN A 310 0.62 -9.20 -4.96
N THR A 311 0.80 -9.96 -6.03
CA THR A 311 0.13 -11.24 -6.22
C THR A 311 0.93 -12.12 -7.17
N GLU A 312 1.84 -12.93 -6.60
CA GLU A 312 2.75 -13.74 -7.41
C GLU A 312 2.05 -14.88 -8.16
N GLU A 313 1.26 -14.52 -9.17
CA GLU A 313 0.55 -15.50 -9.98
C GLU A 313 1.39 -15.89 -11.21
N ALA A 314 2.47 -15.15 -11.43
CA ALA A 314 3.29 -15.31 -12.62
C ALA A 314 4.28 -16.47 -12.51
N LEU A 315 4.79 -16.73 -11.31
CA LEU A 315 5.84 -17.72 -11.13
C LEU A 315 5.59 -18.99 -11.93
N ALA A 316 4.44 -19.61 -11.71
CA ALA A 316 4.11 -20.89 -12.34
C ALA A 316 4.50 -20.90 -13.81
N VAL A 317 3.90 -19.99 -14.57
CA VAL A 317 4.10 -19.94 -16.01
C VAL A 317 5.54 -19.59 -16.37
N LEU A 318 6.07 -18.55 -15.71
CA LEU A 318 7.42 -18.09 -15.99
C LEU A 318 8.45 -19.23 -16.02
N HIS A 319 8.38 -20.12 -15.03
CA HIS A 319 9.31 -21.25 -14.97
C HIS A 319 9.18 -22.15 -16.18
N GLY A 320 7.95 -22.33 -16.64
CA GLY A 320 7.70 -23.12 -17.84
C GLY A 320 8.48 -22.56 -19.01
N LEU A 321 8.41 -21.24 -19.15
CA LEU A 321 9.10 -20.54 -20.22
C LEU A 321 10.62 -20.73 -20.14
N LYS A 322 11.14 -20.82 -18.91
CA LYS A 322 12.56 -21.13 -18.71
C LYS A 322 12.86 -22.57 -19.10
N ARG A 323 12.02 -23.49 -18.64
CA ARG A 323 12.16 -24.90 -19.00
C ARG A 323 12.07 -25.08 -20.51
N LEU A 324 11.38 -24.16 -21.17
CA LEU A 324 11.35 -24.12 -22.63
C LEU A 324 12.70 -23.69 -23.16
N GLY A 325 13.31 -22.69 -22.52
CA GLY A 325 14.64 -22.22 -22.90
C GLY A 325 14.67 -20.76 -23.32
N VAL A 326 13.50 -20.14 -23.34
CA VAL A 326 13.38 -18.73 -23.70
C VAL A 326 13.96 -17.82 -22.62
N GLN A 327 14.57 -16.72 -23.04
CA GLN A 327 15.08 -15.72 -22.10
C GLN A 327 13.96 -14.84 -21.59
N LEU A 328 13.97 -14.54 -20.29
CA LEU A 328 12.97 -13.68 -19.69
C LEU A 328 13.59 -12.40 -19.13
N ALA A 329 12.99 -11.26 -19.48
CA ALA A 329 13.50 -9.98 -19.02
C ALA A 329 12.41 -9.17 -18.34
N ILE A 330 12.76 -8.55 -17.21
CA ILE A 330 11.84 -7.64 -16.54
C ILE A 330 12.00 -6.24 -17.13
N ASP A 331 10.87 -5.65 -17.50
CA ASP A 331 10.86 -4.43 -18.30
C ASP A 331 10.45 -3.23 -17.47
N ASP A 332 10.89 -2.05 -17.89
CA ASP A 332 10.52 -0.79 -17.26
C ASP A 332 10.72 -0.85 -15.75
N PHE A 333 11.92 -1.22 -15.34
CA PHE A 333 12.21 -1.40 -13.92
C PHE A 333 12.73 -0.11 -13.29
N GLY A 334 12.38 0.10 -12.03
CA GLY A 334 12.86 1.25 -11.27
C GLY A 334 11.73 2.09 -10.70
N THR A 335 10.60 2.09 -11.38
CA THR A 335 9.47 2.92 -10.97
C THR A 335 8.56 2.17 -10.01
N GLY A 336 7.81 2.93 -9.22
CA GLY A 336 6.78 2.37 -8.38
C GLY A 336 7.30 1.40 -7.33
N TYR A 337 6.42 0.50 -6.89
CA TYR A 337 6.72 -0.42 -5.81
C TYR A 337 7.13 -1.79 -6.32
N SER A 338 7.96 -2.47 -5.55
CA SER A 338 8.47 -3.79 -5.92
C SER A 338 8.86 -4.58 -4.68
N SER A 339 9.04 -5.88 -4.86
CA SER A 339 9.44 -6.76 -3.78
C SER A 339 10.79 -7.41 -4.09
N LEU A 340 11.79 -7.12 -3.26
CA LEU A 340 13.12 -7.69 -3.45
C LEU A 340 13.08 -9.21 -3.30
N SER A 341 12.36 -9.69 -2.29
CA SER A 341 12.22 -11.12 -2.07
C SER A 341 11.67 -11.81 -3.32
N TYR A 342 10.60 -11.23 -3.87
CA TYR A 342 9.94 -11.80 -5.03
C TYR A 342 10.79 -11.63 -6.29
N LEU A 343 11.58 -10.57 -6.32
CA LEU A 343 12.41 -10.27 -7.48
C LEU A 343 13.43 -11.38 -7.71
N LYS A 344 13.95 -11.94 -6.63
CA LYS A 344 14.95 -13.00 -6.74
C LYS A 344 14.31 -14.33 -7.12
N ARG A 345 13.14 -14.62 -6.56
CA ARG A 345 12.43 -15.87 -6.84
C ARG A 345 12.05 -15.99 -8.32
N LEU A 346 12.00 -14.87 -9.02
CA LEU A 346 11.68 -14.86 -10.45
C LEU A 346 12.88 -15.32 -11.29
N PRO A 347 12.65 -16.24 -12.23
CA PRO A 347 13.70 -16.71 -13.12
C PRO A 347 13.94 -15.72 -14.24
N LEU A 348 14.66 -14.65 -13.94
CA LEU A 348 14.92 -13.60 -14.91
C LEU A 348 16.37 -13.64 -15.36
N ASP A 349 16.59 -13.25 -16.61
CA ASP A 349 17.94 -13.13 -17.14
C ASP A 349 18.34 -11.67 -17.21
N ILE A 350 17.36 -10.81 -17.49
CA ILE A 350 17.64 -9.40 -17.73
C ILE A 350 16.72 -8.47 -16.95
N LEU A 351 17.30 -7.34 -16.54
CA LEU A 351 16.56 -6.26 -15.90
C LEU A 351 16.74 -4.99 -16.74
N LYS A 352 15.64 -4.41 -17.19
CA LYS A 352 15.72 -3.20 -18.01
C LYS A 352 15.42 -1.94 -17.20
N ILE A 353 16.34 -0.98 -17.22
CA ILE A 353 16.15 0.28 -16.47
C ILE A 353 15.16 1.18 -17.20
N ASP A 354 14.14 1.65 -16.48
CA ASP A 354 13.13 2.52 -17.08
C ASP A 354 13.75 3.79 -17.68
N LYS A 355 13.16 4.28 -18.77
CA LYS A 355 13.65 5.46 -19.47
C LYS A 355 13.76 6.68 -18.56
N SER A 356 12.75 6.88 -17.73
CA SER A 356 12.68 8.06 -16.88
C SER A 356 14.01 8.36 -16.19
N PHE A 357 14.61 7.36 -15.58
CA PHE A 357 15.86 7.54 -14.85
C PHE A 357 17.03 7.85 -15.78
N ILE A 358 17.00 7.29 -16.97
CA ILE A 358 18.10 7.47 -17.90
C ILE A 358 18.05 8.83 -18.59
N ARG A 359 16.84 9.26 -18.94
CA ARG A 359 16.64 10.55 -19.60
C ARG A 359 17.32 11.70 -18.84
N GLY A 360 17.39 11.56 -17.51
CA GLY A 360 18.00 12.59 -16.68
C GLY A 360 19.52 12.50 -16.58
N LEU A 361 20.08 11.35 -16.95
CA LEU A 361 21.52 11.16 -16.86
C LEU A 361 22.25 12.12 -17.79
N PRO A 362 23.38 12.67 -17.34
CA PRO A 362 23.94 12.36 -16.02
C PRO A 362 23.75 13.50 -15.03
N ASP A 363 23.16 14.61 -15.50
CA ASP A 363 23.04 15.82 -14.71
C ASP A 363 22.23 15.61 -13.44
N ASP A 364 20.94 15.27 -13.61
CA ASP A 364 20.06 15.06 -12.46
C ASP A 364 20.67 14.04 -11.50
N PRO A 365 20.89 14.45 -10.23
CA PRO A 365 21.52 13.57 -9.25
C PRO A 365 20.58 12.48 -8.74
N HIS A 366 19.28 12.74 -8.76
CA HIS A 366 18.29 11.75 -8.31
C HIS A 366 18.23 10.57 -9.27
N ASP A 367 18.14 10.87 -10.57
CA ASP A 367 18.15 9.84 -11.59
C ASP A 367 19.47 9.07 -11.56
N ALA A 368 20.57 9.82 -11.53
CA ALA A 368 21.89 9.22 -11.44
C ALA A 368 22.00 8.31 -10.23
N ALA A 369 21.43 8.75 -9.10
CA ALA A 369 21.49 7.98 -7.86
C ALA A 369 20.74 6.66 -7.96
N ILE A 370 19.55 6.69 -8.57
CA ILE A 370 18.73 5.49 -8.69
C ILE A 370 19.25 4.55 -9.77
N THR A 371 19.80 5.13 -10.84
CA THR A 371 20.44 4.33 -11.88
C THR A 371 21.54 3.45 -11.26
N ARG A 372 22.41 4.04 -10.45
CA ARG A 372 23.45 3.29 -9.75
C ARG A 372 22.83 2.18 -8.93
N ALA A 373 21.82 2.53 -8.15
CA ALA A 373 21.14 1.58 -7.27
C ALA A 373 20.61 0.39 -8.07
N ILE A 374 19.94 0.68 -9.18
CA ILE A 374 19.41 -0.37 -10.04
C ILE A 374 20.55 -1.21 -10.61
N ILE A 375 21.56 -0.55 -11.16
CA ILE A 375 22.73 -1.25 -11.69
C ILE A 375 23.28 -2.22 -10.65
N ALA A 376 23.57 -1.71 -9.45
CA ALA A 376 24.15 -2.52 -8.39
C ALA A 376 23.20 -3.62 -7.94
N LEU A 377 21.91 -3.33 -7.94
CA LEU A 377 20.90 -4.31 -7.55
C LEU A 377 20.88 -5.46 -8.56
N GLY A 378 20.99 -5.12 -9.84
CA GLY A 378 20.94 -6.12 -10.90
C GLY A 378 22.09 -7.12 -10.88
N ARG A 379 23.28 -6.64 -10.55
CA ARG A 379 24.47 -7.49 -10.56
C ARG A 379 24.45 -8.45 -9.38
N SER A 380 23.94 -7.98 -8.25
CA SER A 380 23.83 -8.79 -7.05
C SER A 380 22.90 -9.98 -7.26
N MET A 381 21.84 -9.79 -8.06
CA MET A 381 20.88 -10.86 -8.33
C MET A 381 21.20 -11.57 -9.65
N GLN A 382 22.45 -11.44 -10.09
CA GLN A 382 22.91 -12.09 -11.33
C GLN A 382 21.97 -11.85 -12.51
N LEU A 383 21.64 -10.58 -12.76
CA LEU A 383 20.79 -10.21 -13.88
C LEU A 383 21.53 -9.24 -14.81
N THR A 384 21.40 -9.45 -16.11
CA THR A 384 22.00 -8.54 -17.08
C THR A 384 21.22 -7.23 -17.07
N VAL A 385 21.92 -6.13 -16.82
CA VAL A 385 21.27 -4.84 -16.72
C VAL A 385 21.41 -4.04 -18.01
N ILE A 386 20.27 -3.67 -18.59
CA ILE A 386 20.27 -2.87 -19.81
C ILE A 386 19.50 -1.57 -19.60
N ALA A 387 20.11 -0.47 -20.04
CA ALA A 387 19.51 0.85 -19.93
C ALA A 387 18.76 1.17 -21.22
N GLU A 388 17.51 1.59 -21.09
CA GLU A 388 16.71 1.93 -22.26
C GLU A 388 16.41 3.43 -22.33
N GLY A 389 16.39 3.96 -23.56
CA GLY A 389 16.12 5.37 -23.79
C GLY A 389 17.38 6.21 -23.83
N VAL A 390 18.52 5.57 -24.10
CA VAL A 390 19.80 6.26 -24.11
C VAL A 390 19.90 7.15 -25.35
N GLU A 391 19.98 8.46 -25.12
CA GLU A 391 19.83 9.45 -26.18
C GLU A 391 21.10 10.22 -26.53
N THR A 392 22.03 10.34 -25.58
CA THR A 392 23.25 11.11 -25.80
C THR A 392 24.51 10.32 -25.48
N GLU A 393 25.59 10.63 -26.21
CA GLU A 393 26.89 9.99 -25.99
C GLU A 393 27.33 10.12 -24.54
N GLY A 394 26.98 11.25 -23.92
CA GLY A 394 27.31 11.51 -22.52
C GLY A 394 26.61 10.54 -21.58
N GLN A 395 25.36 10.24 -21.87
CA GLN A 395 24.63 9.23 -21.11
C GLN A 395 25.30 7.87 -21.25
N GLN A 396 25.67 7.54 -22.49
CA GLN A 396 26.39 6.30 -22.76
C GLN A 396 27.67 6.24 -21.94
N SER A 397 28.44 7.33 -21.98
CA SER A 397 29.68 7.42 -21.21
C SER A 397 29.43 7.25 -19.72
N PHE A 398 28.42 7.96 -19.22
CA PHE A 398 28.07 7.85 -17.81
C PHE A 398 27.75 6.40 -17.45
N LEU A 399 26.85 5.80 -18.23
CA LEU A 399 26.45 4.42 -18.00
C LEU A 399 27.63 3.45 -18.09
N THR A 400 28.57 3.75 -18.99
CA THR A 400 29.75 2.92 -19.18
C THR A 400 30.62 2.89 -17.92
N HIS A 401 30.88 4.07 -17.35
CA HIS A 401 31.69 4.15 -16.13
C HIS A 401 30.96 3.48 -14.97
N GLU A 402 29.66 3.70 -14.88
CA GLU A 402 28.86 3.17 -13.77
C GLU A 402 28.68 1.66 -13.86
N GLY A 403 29.14 1.07 -14.95
CA GLY A 403 29.16 -0.39 -15.09
C GLY A 403 27.85 -0.99 -15.59
N CYS A 404 27.07 -0.21 -16.32
CA CYS A 404 25.90 -0.74 -16.98
C CYS A 404 26.39 -1.70 -18.06
N GLU A 405 25.66 -2.79 -18.26
CA GLU A 405 26.15 -3.84 -19.14
C GLU A 405 25.73 -3.61 -20.59
N GLN A 406 24.51 -3.14 -20.78
CA GLN A 406 23.98 -2.90 -22.12
C GLN A 406 23.17 -1.61 -22.21
N ILE A 407 23.17 -1.01 -23.39
CA ILE A 407 22.33 0.16 -23.65
C ILE A 407 21.41 -0.09 -24.84
N GLN A 408 20.34 0.69 -24.88
CA GLN A 408 19.37 0.64 -25.97
C GLN A 408 18.72 2.00 -26.08
N GLY A 409 18.70 2.57 -27.28
CA GLY A 409 18.06 3.87 -27.49
C GLY A 409 18.51 4.64 -28.71
N PHE A 410 18.31 5.95 -28.66
CA PHE A 410 18.54 6.82 -29.80
C PHE A 410 20.02 7.04 -30.12
N VAL A 411 20.89 6.85 -29.12
CA VAL A 411 22.32 6.98 -29.36
C VAL A 411 22.76 5.98 -30.42
N LEU A 412 22.20 4.77 -30.33
CA LEU A 412 22.50 3.71 -31.30
C LEU A 412 21.68 3.92 -32.55
N SER A 413 20.36 3.85 -32.38
CA SER A 413 19.43 3.97 -33.48
C SER A 413 18.01 3.88 -32.96
N PRO A 414 17.12 4.73 -33.49
CA PRO A 414 15.71 4.53 -33.17
C PRO A 414 15.22 3.26 -33.84
N PRO A 415 14.02 2.79 -33.46
CA PRO A 415 13.47 1.62 -34.12
C PRO A 415 13.54 1.73 -35.64
N LEU A 416 13.84 0.63 -36.31
CA LEU A 416 13.97 0.62 -37.76
C LEU A 416 13.14 -0.49 -38.40
N PRO A 417 12.73 -0.29 -39.66
CA PRO A 417 12.11 -1.37 -40.41
C PRO A 417 13.12 -2.48 -40.70
N ALA A 418 12.65 -3.72 -40.68
CA ALA A 418 13.50 -4.88 -40.92
C ALA A 418 14.61 -4.56 -41.91
N GLU A 419 14.22 -4.11 -43.10
CA GLU A 419 15.17 -3.89 -44.19
C GLU A 419 16.27 -2.91 -43.77
N LEU A 420 15.87 -1.77 -43.22
CA LEU A 420 16.84 -0.76 -42.80
C LEU A 420 17.71 -1.27 -41.65
N PHE A 421 17.09 -1.96 -40.71
CA PHE A 421 17.81 -2.51 -39.57
C PHE A 421 18.89 -3.50 -40.03
N ALA A 422 18.49 -4.44 -40.88
CA ALA A 422 19.42 -5.41 -41.46
C ALA A 422 20.50 -4.68 -42.25
N SER A 423 20.07 -3.77 -43.11
CA SER A 423 20.97 -2.97 -43.92
C SER A 423 22.03 -2.27 -43.07
N LYS A 424 21.61 -1.70 -41.93
CA LYS A 424 22.49 -0.85 -41.14
C LYS A 424 23.32 -1.63 -40.11
N PHE A 425 22.78 -2.73 -39.58
CA PHE A 425 23.40 -3.40 -38.43
C PHE A 425 23.82 -4.85 -38.64
N LEU A 426 23.13 -5.59 -39.48
CA LEU A 426 23.43 -7.01 -39.66
C LEU A 426 24.52 -7.25 -40.70
N LYS A 427 25.32 -8.28 -40.46
CA LYS A 427 26.37 -8.71 -41.39
C LYS A 427 25.99 -10.05 -42.01
N PRO A 428 26.69 -10.46 -43.08
CA PRO A 428 26.34 -11.67 -43.81
C PRO A 428 26.87 -12.95 -43.18
N ARG A 429 26.25 -14.08 -43.51
CA ARG A 429 26.66 -15.39 -42.99
C ARG A 429 25.55 -16.41 -43.20
N HIS B 4 -40.28 4.70 31.86
CA HIS B 4 -39.83 3.33 31.46
C HIS B 4 -39.35 3.31 30.00
N HIS B 5 -39.07 4.49 29.45
CA HIS B 5 -38.58 4.66 28.09
C HIS B 5 -37.49 5.72 28.08
N ASP B 6 -36.46 5.52 27.27
CA ASP B 6 -35.40 6.52 27.12
C ASP B 6 -36.00 7.80 26.57
N PRO B 7 -35.81 8.93 27.29
CA PRO B 7 -36.44 10.17 26.84
C PRO B 7 -35.97 10.59 25.43
N LEU B 8 -34.67 10.72 25.27
CA LEU B 8 -34.10 11.25 24.03
C LEU B 8 -34.48 10.43 22.79
N THR B 9 -34.30 9.11 22.86
CA THR B 9 -34.54 8.26 21.69
C THR B 9 -35.97 7.72 21.62
N GLY B 10 -36.67 7.77 22.74
CA GLY B 10 -38.02 7.21 22.83
C GLY B 10 -37.99 5.69 22.90
N LEU B 11 -36.80 5.12 22.99
CA LEU B 11 -36.63 3.67 23.05
C LEU B 11 -36.77 3.14 24.47
N PRO B 12 -37.15 1.86 24.61
CA PRO B 12 -37.26 1.22 25.90
C PRO B 12 -35.90 1.17 26.61
N ASN B 13 -35.86 1.57 27.87
CA ASN B 13 -34.63 1.50 28.66
C ASN B 13 -34.35 0.05 29.08
N ARG B 14 -33.24 -0.15 29.78
CA ARG B 14 -32.78 -1.51 30.10
C ARG B 14 -33.70 -2.24 31.08
N LEU B 15 -34.35 -1.51 31.97
CA LEU B 15 -35.29 -2.12 32.90
C LEU B 15 -36.41 -2.80 32.13
N LEU B 16 -37.02 -2.07 31.21
CA LEU B 16 -38.12 -2.61 30.41
C LEU B 16 -37.64 -3.76 29.52
N PHE B 17 -36.45 -3.60 28.97
CA PHE B 17 -35.82 -4.63 28.17
C PHE B 17 -35.64 -5.92 28.97
N GLU B 18 -35.19 -5.77 30.21
CA GLU B 18 -34.93 -6.91 31.09
C GLU B 18 -36.17 -7.77 31.34
N SER B 19 -37.32 -7.13 31.59
CA SER B 19 -38.55 -7.86 31.86
C SER B 19 -38.98 -8.63 30.61
N ARG B 20 -38.85 -7.99 29.45
CA ARG B 20 -39.21 -8.60 28.19
C ARG B 20 -38.25 -9.72 27.80
N LEU B 21 -37.00 -9.61 28.25
CA LEU B 21 -36.04 -10.70 28.06
C LEU B 21 -36.38 -11.86 29.00
N ASN B 22 -36.67 -11.53 30.26
CA ASN B 22 -37.07 -12.53 31.25
C ASN B 22 -38.30 -13.30 30.79
N HIS B 23 -39.32 -12.57 30.33
CA HIS B 23 -40.54 -13.22 29.85
C HIS B 23 -40.24 -14.16 28.68
N ALA B 24 -39.41 -13.70 27.75
CA ALA B 24 -39.04 -14.50 26.58
C ALA B 24 -38.35 -15.80 27.00
N LEU B 25 -37.44 -15.67 27.96
CA LEU B 25 -36.74 -16.84 28.48
C LEU B 25 -37.72 -17.88 29.01
N ASP B 26 -38.74 -17.43 29.73
CA ASP B 26 -39.75 -18.33 30.27
C ASP B 26 -40.39 -19.13 29.15
N GLU B 27 -40.91 -18.44 28.13
CA GLU B 27 -41.51 -19.09 26.98
C GLU B 27 -40.52 -20.04 26.32
N ALA B 28 -39.27 -19.60 26.18
CA ALA B 28 -38.24 -20.42 25.56
C ALA B 28 -38.06 -21.76 26.27
N ARG B 29 -38.07 -21.76 27.60
CA ARG B 29 -37.89 -22.99 28.37
C ARG B 29 -38.99 -24.01 28.05
N GLU B 30 -40.24 -23.61 28.26
CA GLU B 30 -41.37 -24.50 28.01
C GLU B 30 -41.46 -24.86 26.53
N GLU B 31 -41.63 -23.85 25.68
CA GLU B 31 -41.82 -24.05 24.25
C GLU B 31 -40.59 -24.65 23.55
N SER B 32 -39.45 -24.68 24.25
CA SER B 32 -38.22 -25.24 23.69
C SER B 32 -37.87 -24.58 22.36
N ARG B 33 -37.70 -23.26 22.39
CA ARG B 33 -37.40 -22.50 21.19
C ARG B 33 -36.18 -21.60 21.41
N PRO B 34 -35.36 -21.44 20.38
CA PRO B 34 -34.14 -20.67 20.49
C PRO B 34 -34.44 -19.18 20.41
N GLY B 35 -33.46 -18.36 20.76
CA GLY B 35 -33.61 -16.91 20.63
C GLY B 35 -32.27 -16.22 20.60
N ALA B 36 -32.28 -14.90 20.56
CA ALA B 36 -31.04 -14.15 20.44
C ALA B 36 -31.09 -12.79 21.13
N VAL B 37 -29.95 -12.41 21.70
CA VAL B 37 -29.75 -11.08 22.24
C VAL B 37 -28.56 -10.47 21.51
N LEU B 38 -28.77 -9.29 20.93
CA LEU B 38 -27.73 -8.61 20.16
C LEU B 38 -27.28 -7.33 20.85
N PHE B 39 -25.96 -7.20 21.00
CA PHE B 39 -25.36 -6.02 21.63
C PHE B 39 -24.70 -5.15 20.57
N ILE B 40 -25.18 -3.92 20.45
CA ILE B 40 -24.68 -3.00 19.42
C ILE B 40 -24.07 -1.73 20.01
N ASP B 41 -22.78 -1.54 19.78
CA ASP B 41 -22.06 -0.37 20.31
C ASP B 41 -21.52 0.46 19.16
N LEU B 42 -21.96 1.72 19.08
CA LEU B 42 -21.55 2.60 18.00
C LEU B 42 -20.02 2.67 17.91
N ASP B 43 -19.52 2.77 16.68
CA ASP B 43 -18.08 2.82 16.44
C ASP B 43 -17.51 4.23 16.46
N ARG B 44 -16.47 4.43 17.26
CA ARG B 44 -15.76 5.72 17.32
C ARG B 44 -16.72 6.90 17.29
N PHE B 45 -17.70 6.88 18.20
CA PHE B 45 -18.71 7.93 18.27
C PHE B 45 -18.17 9.16 19.02
N LYS B 46 -17.11 8.97 19.80
CA LYS B 46 -16.48 10.07 20.53
C LYS B 46 -15.98 11.12 19.54
N HIS B 47 -15.36 10.67 18.46
CA HIS B 47 -14.88 11.57 17.42
C HIS B 47 -16.03 12.38 16.81
N ILE B 48 -17.17 11.75 16.65
CA ILE B 48 -18.35 12.43 16.12
C ILE B 48 -18.76 13.60 17.02
N ASN B 49 -18.85 13.35 18.32
CA ASN B 49 -19.14 14.40 19.28
C ASN B 49 -18.05 15.47 19.28
N ASP B 50 -16.80 15.01 19.19
CA ASP B 50 -15.66 15.93 19.15
C ASP B 50 -15.71 16.87 17.95
N SER B 51 -16.09 16.34 16.79
CA SER B 51 -16.05 17.12 15.55
C SER B 51 -17.36 17.87 15.23
N LEU B 52 -18.49 17.38 15.76
CA LEU B 52 -19.79 17.99 15.44
C LEU B 52 -20.53 18.55 16.65
N GLY B 53 -20.28 17.99 17.83
CA GLY B 53 -20.91 18.45 19.06
C GLY B 53 -22.15 17.65 19.44
N HIS B 54 -22.52 17.71 20.71
CA HIS B 54 -23.65 16.95 21.23
C HIS B 54 -24.94 17.18 20.46
N PRO B 55 -25.35 18.45 20.30
CA PRO B 55 -26.60 18.72 19.58
C PRO B 55 -26.77 17.86 18.33
N ILE B 56 -25.69 17.68 17.56
CA ILE B 56 -25.73 16.87 16.34
C ILE B 56 -25.72 15.37 16.68
N GLY B 57 -24.82 14.99 17.60
CA GLY B 57 -24.71 13.61 18.05
C GLY B 57 -26.02 13.04 18.59
N ASP B 58 -26.76 13.86 19.33
CA ASP B 58 -28.08 13.46 19.85
C ASP B 58 -29.01 13.12 18.71
N LEU B 59 -29.10 14.04 17.75
CA LEU B 59 -29.91 13.83 16.54
C LEU B 59 -29.45 12.56 15.84
N LEU B 60 -28.15 12.34 15.78
CA LEU B 60 -27.60 11.12 15.19
C LEU B 60 -28.06 9.88 15.94
N LEU B 61 -28.00 9.90 17.27
CA LEU B 61 -28.45 8.78 18.08
C LEU B 61 -29.93 8.53 17.85
N LYS B 62 -30.73 9.60 17.92
CA LYS B 62 -32.16 9.51 17.67
C LYS B 62 -32.41 8.88 16.31
N ALA B 63 -31.65 9.33 15.31
CA ALA B 63 -31.79 8.84 13.94
C ALA B 63 -31.42 7.37 13.84
N ILE B 64 -30.33 6.98 14.49
CA ILE B 64 -29.89 5.59 14.48
C ILE B 64 -30.94 4.71 15.14
N ALA B 65 -31.42 5.15 16.30
CA ALA B 65 -32.41 4.38 17.05
C ALA B 65 -33.63 4.06 16.20
N GLU B 66 -34.15 5.10 15.54
CA GLU B 66 -35.36 4.96 14.74
C GLU B 66 -35.16 4.05 13.53
N ARG B 67 -33.97 4.08 12.94
CA ARG B 67 -33.70 3.24 11.76
C ARG B 67 -33.57 1.76 12.12
N LEU B 68 -33.05 1.46 13.30
CA LEU B 68 -32.96 0.08 13.76
C LEU B 68 -34.35 -0.46 14.07
N ARG B 69 -35.16 0.36 14.72
CA ARG B 69 -36.54 0.01 15.03
C ARG B 69 -37.23 -0.54 13.78
N ASP B 70 -37.06 0.18 12.67
CA ASP B 70 -37.69 -0.18 11.39
C ASP B 70 -37.18 -1.50 10.82
N GLN B 71 -35.99 -1.91 11.25
CA GLN B 71 -35.33 -3.07 10.67
C GLN B 71 -35.82 -4.38 11.28
N LEU B 72 -36.73 -4.30 12.24
CA LEU B 72 -37.13 -5.48 13.01
C LEU B 72 -38.64 -5.72 13.04
N ARG B 73 -39.00 -6.96 13.34
CA ARG B 73 -40.39 -7.37 13.48
C ARG B 73 -41.01 -6.70 14.70
N ASP B 74 -42.31 -6.93 14.91
CA ASP B 74 -43.00 -6.37 16.07
C ASP B 74 -42.64 -7.18 17.31
N VAL B 75 -42.56 -8.50 17.15
CA VAL B 75 -42.17 -9.39 18.23
C VAL B 75 -40.78 -9.03 18.74
N ASP B 76 -39.94 -8.54 17.84
CA ASP B 76 -38.59 -8.08 18.19
C ASP B 76 -38.67 -6.75 18.95
N THR B 77 -37.67 -6.50 19.78
CA THR B 77 -37.62 -5.26 20.57
C THR B 77 -36.20 -4.67 20.63
N VAL B 78 -36.10 -3.39 20.31
CA VAL B 78 -34.82 -2.67 20.36
C VAL B 78 -34.83 -1.73 21.54
N ALA B 79 -33.75 -1.73 22.31
CA ALA B 79 -33.67 -0.89 23.51
C ALA B 79 -32.34 -0.16 23.57
N ARG B 80 -32.34 1.00 24.23
CA ARG B 80 -31.09 1.67 24.55
C ARG B 80 -30.64 1.19 25.93
N LEU B 81 -29.53 0.46 25.96
CA LEU B 81 -28.93 0.00 27.21
C LEU B 81 -28.38 1.19 27.99
N GLY B 82 -27.77 2.12 27.26
CA GLY B 82 -27.19 3.31 27.86
C GLY B 82 -26.00 3.79 27.05
N GLY B 83 -25.83 5.10 26.97
CA GLY B 83 -24.74 5.68 26.21
C GLY B 83 -24.96 5.45 24.72
N ASP B 84 -23.90 5.08 24.02
CA ASP B 84 -24.01 4.78 22.60
C ASP B 84 -24.21 3.28 22.38
N GLU B 85 -24.77 2.61 23.39
CA GLU B 85 -24.98 1.18 23.33
C GLU B 85 -26.46 0.85 23.24
N PHE B 86 -26.81 0.04 22.25
CA PHE B 86 -28.17 -0.46 22.08
C PHE B 86 -28.18 -1.96 22.24
N ILE B 87 -29.28 -2.49 22.73
CA ILE B 87 -29.42 -3.92 22.91
C ILE B 87 -30.74 -4.40 22.31
N ILE B 88 -30.70 -5.59 21.72
CA ILE B 88 -31.82 -6.09 20.93
C ILE B 88 -32.18 -7.52 21.31
N LEU B 89 -33.46 -7.84 21.23
CA LEU B 89 -33.97 -9.15 21.59
C LEU B 89 -34.75 -9.74 20.43
N LEU B 90 -34.45 -10.99 20.09
CA LEU B 90 -35.17 -11.73 19.06
C LEU B 90 -35.80 -12.96 19.71
N PRO B 91 -37.07 -12.83 20.12
CA PRO B 91 -37.79 -13.76 20.99
C PRO B 91 -38.10 -15.10 20.32
N GLY B 92 -38.69 -15.03 19.14
CA GLY B 92 -39.04 -16.22 18.39
C GLY B 92 -38.17 -16.37 17.16
N LEU B 93 -37.39 -17.44 17.13
CA LEU B 93 -36.58 -17.76 15.96
C LEU B 93 -36.89 -19.20 15.56
N HIS B 94 -37.06 -19.42 14.25
CA HIS B 94 -37.22 -20.78 13.76
C HIS B 94 -35.96 -21.57 14.10
N GLN B 95 -34.81 -21.00 13.78
CA GLN B 95 -33.52 -21.64 14.05
C GLN B 95 -32.40 -20.63 14.26
N GLU B 96 -31.35 -21.06 14.95
CA GLU B 96 -30.20 -20.20 15.24
C GLU B 96 -29.65 -19.53 13.99
N SER B 97 -29.75 -20.23 12.85
CA SER B 97 -29.34 -19.67 11.57
C SER B 97 -30.03 -18.34 11.33
N ASP B 98 -31.28 -18.23 11.77
CA ASP B 98 -32.08 -17.02 11.55
C ASP B 98 -31.48 -15.77 12.20
N ALA B 99 -30.77 -15.95 13.31
CA ALA B 99 -30.14 -14.83 14.01
C ALA B 99 -29.08 -14.15 13.13
N GLU B 100 -28.26 -14.97 12.45
CA GLU B 100 -27.25 -14.46 11.55
C GLU B 100 -27.88 -13.51 10.55
N HIS B 101 -28.97 -13.97 9.95
CA HIS B 101 -29.70 -13.21 8.96
C HIS B 101 -30.09 -11.84 9.51
N VAL B 102 -30.66 -11.82 10.70
CA VAL B 102 -31.17 -10.58 11.29
C VAL B 102 -30.03 -9.66 11.71
N ALA B 103 -28.92 -10.25 12.15
CA ALA B 103 -27.75 -9.46 12.54
C ALA B 103 -27.28 -8.55 11.41
N ARG B 104 -27.20 -9.11 10.20
CA ARG B 104 -26.66 -8.38 9.05
C ARG B 104 -27.60 -7.26 8.62
N LYS B 105 -28.89 -7.54 8.58
CA LYS B 105 -29.89 -6.49 8.38
C LYS B 105 -29.48 -5.25 9.16
N LEU B 106 -29.22 -5.46 10.45
CA LEU B 106 -28.90 -4.36 11.36
C LEU B 106 -27.58 -3.69 11.01
N LEU B 107 -26.63 -4.47 10.52
CA LEU B 107 -25.37 -3.91 10.03
C LEU B 107 -25.62 -3.00 8.84
N ASN B 108 -26.27 -3.54 7.81
CA ASN B 108 -26.49 -2.81 6.58
C ASN B 108 -27.30 -1.53 6.81
N ALA B 109 -27.92 -1.41 7.97
CA ALA B 109 -28.67 -0.22 8.32
C ALA B 109 -27.73 0.97 8.53
N PHE B 110 -26.47 0.66 8.79
CA PHE B 110 -25.44 1.68 9.01
C PHE B 110 -24.69 2.04 7.72
N THR B 111 -25.04 1.36 6.63
CA THR B 111 -24.40 1.62 5.33
C THR B 111 -24.73 3.03 4.86
N ALA B 112 -26.01 3.36 4.83
CA ALA B 112 -26.44 4.71 4.47
C ALA B 112 -26.11 5.68 5.59
N PRO B 113 -25.90 6.95 5.25
CA PRO B 113 -25.62 7.95 6.28
C PRO B 113 -26.89 8.31 7.02
N PHE B 114 -26.76 9.13 8.06
CA PHE B 114 -27.91 9.52 8.86
C PHE B 114 -28.08 11.03 8.80
N GLN B 115 -29.32 11.48 8.81
CA GLN B 115 -29.64 12.89 8.56
C GLN B 115 -29.75 13.71 9.84
N ALA B 116 -28.84 14.67 9.99
CA ALA B 116 -28.89 15.62 11.11
C ALA B 116 -28.78 17.04 10.56
N ASP B 117 -29.70 17.90 10.98
CA ASP B 117 -29.94 19.20 10.33
C ASP B 117 -29.77 19.12 8.80
N GLY B 118 -28.93 19.97 8.23
CA GLY B 118 -28.77 20.03 6.78
C GLY B 118 -28.03 18.84 6.21
N HIS B 119 -27.08 18.32 6.98
CA HIS B 119 -26.13 17.34 6.46
C HIS B 119 -26.50 15.90 6.75
N GLU B 120 -25.61 15.02 6.34
CA GLU B 120 -25.74 13.61 6.57
C GLU B 120 -24.34 13.09 6.88
N PHE B 121 -24.23 12.35 7.97
CA PHE B 121 -22.95 11.79 8.38
C PHE B 121 -23.07 10.28 8.49
N PHE B 122 -21.98 9.58 8.19
CA PHE B 122 -21.96 8.13 8.29
C PHE B 122 -21.41 7.70 9.64
N VAL B 123 -22.19 6.88 10.34
CA VAL B 123 -21.74 6.28 11.58
C VAL B 123 -21.78 4.77 11.44
N SER B 124 -20.90 4.09 12.16
CA SER B 124 -20.79 2.64 12.07
C SER B 124 -21.04 2.03 13.45
N ALA B 125 -21.05 0.69 13.52
CA ALA B 125 -21.28 0.01 14.78
C ALA B 125 -20.73 -1.41 14.76
N SER B 126 -20.40 -1.91 15.95
CA SER B 126 -19.96 -3.30 16.10
C SER B 126 -21.07 -4.09 16.80
N VAL B 127 -21.21 -5.35 16.45
CA VAL B 127 -22.33 -6.14 16.94
C VAL B 127 -21.89 -7.47 17.53
N GLY B 128 -22.34 -7.74 18.75
CA GLY B 128 -22.10 -9.02 19.39
C GLY B 128 -23.39 -9.79 19.51
N ILE B 129 -23.34 -11.10 19.31
CA ILE B 129 -24.55 -11.92 19.38
C ILE B 129 -24.47 -12.97 20.47
N ALA B 130 -25.53 -13.07 21.27
CA ALA B 130 -25.63 -14.15 22.26
C ALA B 130 -26.94 -14.90 22.05
N LEU B 131 -26.85 -16.21 21.87
CA LEU B 131 -28.04 -17.04 21.64
C LEU B 131 -28.49 -17.68 22.93
N PHE B 132 -29.80 -17.86 23.09
CA PHE B 132 -30.32 -18.66 24.20
C PHE B 132 -31.12 -19.85 23.67
N PRO B 133 -31.01 -20.98 24.36
CA PRO B 133 -30.25 -21.06 25.61
C PRO B 133 -28.81 -21.55 25.47
N LYS B 134 -28.28 -21.54 24.25
CA LYS B 134 -26.92 -22.05 24.01
C LYS B 134 -25.89 -21.30 24.86
N ASP B 135 -26.03 -19.98 24.92
CA ASP B 135 -25.04 -19.13 25.57
C ASP B 135 -25.51 -18.61 26.93
N GLY B 136 -26.63 -19.12 27.41
CA GLY B 136 -27.16 -18.71 28.71
C GLY B 136 -28.66 -18.89 28.83
N ASP B 137 -29.13 -19.02 30.07
CA ASP B 137 -30.55 -19.21 30.32
C ASP B 137 -31.14 -18.14 31.24
N ASP B 138 -30.36 -17.12 31.56
CA ASP B 138 -30.88 -15.98 32.34
C ASP B 138 -30.41 -14.65 31.75
N ALA B 139 -31.10 -13.58 32.12
CA ALA B 139 -30.91 -12.26 31.52
C ALA B 139 -29.48 -11.71 31.67
N PRO B 140 -28.96 -11.68 32.90
CA PRO B 140 -27.62 -11.12 33.15
C PRO B 140 -26.51 -11.77 32.32
N THR B 141 -26.49 -13.09 32.25
CA THR B 141 -25.41 -13.80 31.55
C THR B 141 -25.53 -13.66 30.04
N LEU B 142 -26.78 -13.56 29.55
CA LEU B 142 -27.01 -13.34 28.13
C LEU B 142 -26.52 -11.96 27.72
N VAL B 143 -26.85 -10.96 28.54
CA VAL B 143 -26.37 -9.60 28.29
C VAL B 143 -24.84 -9.57 28.38
N LYS B 144 -24.30 -10.15 29.46
CA LYS B 144 -22.86 -10.22 29.65
C LYS B 144 -22.18 -10.82 28.42
N ASN B 145 -22.58 -12.03 28.08
CA ASN B 145 -21.98 -12.74 26.96
C ASN B 145 -22.18 -12.00 25.65
N ALA B 146 -23.35 -11.38 25.47
CA ALA B 146 -23.61 -10.59 24.26
C ALA B 146 -22.70 -9.37 24.19
N ASP B 147 -22.37 -8.84 25.37
CA ASP B 147 -21.47 -7.69 25.47
C ASP B 147 -20.04 -8.08 25.11
N ALA B 148 -19.60 -9.22 25.61
CA ALA B 148 -18.26 -9.73 25.31
C ALA B 148 -18.06 -9.86 23.80
N ALA B 149 -19.04 -10.46 23.12
CA ALA B 149 -18.99 -10.62 21.68
C ALA B 149 -18.84 -9.26 20.99
N MET B 150 -19.51 -8.25 21.53
CA MET B 150 -19.40 -6.91 20.98
C MET B 150 -17.97 -6.41 21.11
N TYR B 151 -17.35 -6.65 22.26
CA TYR B 151 -15.95 -6.27 22.46
C TYR B 151 -15.03 -7.04 21.53
N ARG B 152 -15.38 -8.31 21.29
CA ARG B 152 -14.64 -9.13 20.33
C ARG B 152 -14.73 -8.50 18.94
N ALA B 153 -15.96 -8.21 18.49
CA ALA B 153 -16.15 -7.53 17.22
C ALA B 153 -15.38 -6.23 17.21
N LYS B 154 -15.29 -5.62 18.39
CA LYS B 154 -14.57 -4.36 18.55
C LYS B 154 -13.08 -4.56 18.35
N SER B 155 -12.55 -5.70 18.77
CA SER B 155 -11.11 -5.97 18.67
C SER B 155 -10.70 -6.56 17.32
N ARG B 156 -11.51 -7.47 16.78
CA ARG B 156 -11.21 -8.12 15.50
C ARG B 156 -11.40 -7.17 14.32
N GLY B 157 -11.69 -5.90 14.62
CA GLY B 157 -11.92 -4.89 13.60
C GLY B 157 -13.06 -4.01 14.04
N ARG B 158 -13.89 -3.59 13.09
CA ARG B 158 -15.10 -2.85 13.41
C ARG B 158 -16.11 -3.00 12.29
N SER B 159 -17.26 -2.35 12.44
CA SER B 159 -18.31 -2.45 11.45
C SER B 159 -18.52 -3.92 11.09
N ARG B 160 -18.42 -4.79 12.10
CA ARG B 160 -18.51 -6.23 11.90
C ARG B 160 -19.43 -6.87 12.94
N ILE B 161 -19.67 -8.17 12.77
CA ILE B 161 -20.52 -8.93 13.68
C ILE B 161 -19.73 -10.10 14.27
N GLU B 162 -19.97 -10.41 15.53
CA GLU B 162 -19.32 -11.55 16.16
C GLU B 162 -20.25 -12.35 17.06
N TYR B 163 -20.08 -13.66 17.05
CA TYR B 163 -20.84 -14.54 17.92
C TYR B 163 -20.08 -14.79 19.21
N TYR B 164 -20.81 -15.17 20.26
CA TYR B 164 -20.20 -15.45 21.55
C TYR B 164 -19.42 -16.74 21.48
N THR B 165 -18.35 -16.82 22.28
CA THR B 165 -17.61 -18.07 22.46
C THR B 165 -17.12 -18.15 23.90
N ARG B 166 -17.05 -19.36 24.43
CA ARG B 166 -16.68 -19.59 25.82
C ARG B 166 -15.58 -18.64 26.33
N GLU B 167 -14.59 -18.38 25.49
CA GLU B 167 -13.37 -17.66 25.90
C GLU B 167 -13.47 -16.14 25.83
N LEU B 168 -14.56 -15.62 25.27
CA LEU B 168 -14.63 -14.19 24.94
C LEU B 168 -14.65 -13.23 26.14
N THR B 169 -15.32 -13.63 27.22
CA THR B 169 -15.44 -12.76 28.39
C THR B 169 -14.08 -12.38 28.96
N TYR B 170 -13.26 -13.39 29.24
CA TYR B 170 -11.92 -13.17 29.81
C TYR B 170 -11.07 -12.23 28.94
N LEU B 171 -11.07 -12.49 27.63
CA LEU B 171 -10.32 -11.69 26.68
C LEU B 171 -10.72 -10.22 26.78
N ALA B 172 -12.02 -9.98 26.93
CA ALA B 172 -12.56 -8.62 27.01
C ALA B 172 -12.09 -7.92 28.28
N THR B 173 -12.16 -8.62 29.41
CA THR B 173 -11.75 -8.02 30.68
C THR B 173 -10.24 -7.80 30.68
N GLU B 174 -9.47 -8.81 30.29
CA GLU B 174 -8.01 -8.69 30.26
C GLU B 174 -7.56 -7.44 29.49
N ARG B 175 -8.13 -7.26 28.30
CA ARG B 175 -7.82 -6.11 27.49
C ARG B 175 -8.07 -4.82 28.27
N MET B 176 -9.17 -4.79 29.03
CA MET B 176 -9.48 -3.63 29.85
C MET B 176 -8.46 -3.45 30.97
N ALA B 177 -8.10 -4.55 31.63
CA ALA B 177 -7.13 -4.50 32.71
C ALA B 177 -5.81 -3.95 32.20
N LEU B 178 -5.25 -4.60 31.18
CA LEU B 178 -3.96 -4.19 30.65
C LEU B 178 -3.93 -2.71 30.28
N GLU B 179 -5.07 -2.17 29.85
CA GLU B 179 -5.14 -0.75 29.54
C GLU B 179 -4.86 0.05 30.81
N THR B 180 -5.58 -0.26 31.88
CA THR B 180 -5.42 0.48 33.14
C THR B 180 -3.99 0.35 33.64
N GLU B 181 -3.47 -0.86 33.55
CA GLU B 181 -2.12 -1.12 34.02
C GLU B 181 -1.09 -0.35 33.19
N LEU B 182 -1.29 -0.29 31.88
CA LEU B 182 -0.40 0.49 31.02
C LEU B 182 -0.51 1.95 31.41
N ARG B 183 -1.75 2.43 31.54
CA ARG B 183 -1.99 3.83 31.90
C ARG B 183 -1.28 4.17 33.20
N ARG B 184 -1.33 3.26 34.16
CA ARG B 184 -0.65 3.45 35.44
C ARG B 184 0.86 3.42 35.30
N ALA B 185 1.36 2.35 34.67
CA ALA B 185 2.79 2.16 34.49
C ALA B 185 3.40 3.37 33.81
N LEU B 186 2.69 3.90 32.83
CA LEU B 186 3.13 5.07 32.11
C LEU B 186 3.17 6.28 33.03
N GLU B 187 2.20 6.36 33.94
CA GLU B 187 2.00 7.50 34.81
C GLU B 187 2.86 7.42 36.07
N ARG B 188 3.50 6.27 36.29
CA ARG B 188 4.31 6.06 37.47
C ARG B 188 5.73 5.62 37.11
N ASP B 189 6.10 5.84 35.85
CA ASP B 189 7.43 5.46 35.36
C ASP B 189 7.79 4.03 35.78
N GLU B 190 6.88 3.09 35.49
CA GLU B 190 7.11 1.69 35.84
C GLU B 190 7.50 0.83 34.63
N LEU B 191 7.62 1.45 33.46
CA LEU B 191 8.22 0.80 32.31
C LEU B 191 9.74 0.89 32.47
N GLN B 192 10.47 0.11 31.68
CA GLN B 192 11.92 0.10 31.76
C GLN B 192 12.52 -0.01 30.36
N LEU B 193 13.63 0.69 30.14
CA LEU B 193 14.35 0.60 28.87
C LEU B 193 15.48 -0.41 28.99
N TYR B 194 15.61 -1.27 27.99
CA TYR B 194 16.73 -2.19 27.87
C TYR B 194 17.64 -1.71 26.75
N TYR B 195 18.91 -2.09 26.79
CA TYR B 195 19.87 -1.58 25.83
C TYR B 195 20.66 -2.71 25.16
N GLN B 196 20.65 -2.69 23.83
CA GLN B 196 21.35 -3.70 23.04
C GLN B 196 22.51 -3.06 22.31
N PRO B 197 23.70 -3.66 22.40
CA PRO B 197 24.88 -3.11 21.73
C PRO B 197 24.89 -3.38 20.23
N LYS B 198 25.44 -2.43 19.47
CA LYS B 198 25.70 -2.62 18.04
C LYS B 198 27.19 -2.67 17.79
N LEU B 199 27.63 -3.67 17.01
CA LEU B 199 29.05 -3.83 16.72
C LEU B 199 29.32 -3.55 15.24
N SER B 200 30.55 -3.18 14.93
CA SER B 200 30.98 -3.01 13.55
C SER B 200 31.82 -4.22 13.15
N LEU B 201 31.55 -4.76 11.96
CA LEU B 201 32.35 -5.86 11.45
C LEU B 201 33.64 -5.34 10.81
N GLU B 202 33.62 -4.07 10.43
CA GLU B 202 34.77 -3.44 9.80
C GLU B 202 35.92 -3.22 10.79
N SER B 203 35.59 -3.08 12.07
CA SER B 203 36.59 -2.81 13.10
C SER B 203 36.53 -3.81 14.25
N GLY B 204 35.35 -3.99 14.83
CA GLY B 204 35.18 -4.88 15.98
C GLY B 204 34.92 -4.09 17.26
N LEU B 205 34.72 -2.78 17.12
CA LEU B 205 34.42 -1.90 18.25
C LEU B 205 32.94 -1.52 18.28
N LEU B 206 32.46 -1.13 19.45
CA LEU B 206 31.07 -0.69 19.61
C LEU B 206 30.74 0.46 18.65
N VAL B 207 29.55 0.42 18.06
CA VAL B 207 29.12 1.45 17.12
C VAL B 207 27.88 2.18 17.59
N GLY B 208 27.36 1.80 18.75
CA GLY B 208 26.15 2.39 19.30
C GLY B 208 25.31 1.37 20.00
N ALA B 209 24.10 1.75 20.38
CA ALA B 209 23.19 0.83 21.07
C ALA B 209 21.74 1.20 20.77
N GLU B 210 20.84 0.22 20.94
CA GLU B 210 19.42 0.47 20.75
C GLU B 210 18.68 0.39 22.08
N ALA B 211 17.81 1.36 22.32
CA ALA B 211 16.96 1.38 23.50
C ALA B 211 15.62 0.72 23.17
N LEU B 212 15.27 -0.29 23.96
CA LEU B 212 14.09 -1.11 23.71
C LEU B 212 13.19 -1.13 24.93
N VAL B 213 11.93 -0.76 24.74
CA VAL B 213 10.98 -0.67 25.85
C VAL B 213 10.55 -2.05 26.34
N ARG B 214 10.56 -2.23 27.65
CA ARG B 214 10.13 -3.47 28.27
C ARG B 214 9.06 -3.17 29.30
N TRP B 215 8.24 -4.17 29.61
CA TRP B 215 7.19 -4.01 30.60
C TRP B 215 6.97 -5.32 31.35
N TYR B 216 7.39 -5.35 32.62
CA TYR B 216 7.11 -6.49 33.47
C TYR B 216 6.00 -6.16 34.46
N HIS B 217 5.04 -7.07 34.60
CA HIS B 217 3.99 -6.94 35.60
C HIS B 217 3.84 -8.26 36.34
N PRO B 218 3.99 -8.22 37.67
CA PRO B 218 3.99 -9.45 38.48
C PRO B 218 2.80 -10.36 38.18
N LEU B 219 1.62 -9.76 38.04
CA LEU B 219 0.40 -10.51 37.78
C LEU B 219 0.40 -11.13 36.39
N PHE B 220 1.04 -10.46 35.43
CA PHE B 220 1.00 -10.89 34.04
C PHE B 220 2.35 -11.35 33.51
N GLY B 221 3.40 -11.10 34.29
CA GLY B 221 4.77 -11.42 33.86
C GLY B 221 5.29 -10.38 32.87
N GLU B 222 6.29 -10.80 32.08
CA GLU B 222 6.84 -9.94 31.04
C GLU B 222 5.84 -9.80 29.90
N ILE B 223 5.29 -8.60 29.77
CA ILE B 223 4.37 -8.31 28.68
C ILE B 223 5.18 -7.85 27.47
N SER B 224 5.11 -8.62 26.38
CA SER B 224 5.92 -8.33 25.20
C SER B 224 5.41 -7.06 24.49
N PRO B 225 6.34 -6.31 23.89
CA PRO B 225 5.99 -5.12 23.11
C PRO B 225 4.99 -5.42 21.99
N GLU B 226 5.14 -6.60 21.38
CA GLU B 226 4.21 -7.05 20.34
C GLU B 226 2.78 -7.08 20.89
N ARG B 227 2.67 -7.27 22.19
CA ARG B 227 1.38 -7.37 22.84
C ARG B 227 0.89 -5.99 23.27
N PHE B 228 1.76 -5.21 23.91
CA PHE B 228 1.32 -3.96 24.55
C PHE B 228 1.43 -2.71 23.68
N ILE B 229 2.13 -2.77 22.55
CA ILE B 229 2.20 -1.59 21.68
C ILE B 229 0.90 -1.41 20.88
N PRO B 230 0.38 -2.51 20.32
CA PRO B 230 -0.94 -2.44 19.69
C PRO B 230 -2.00 -1.98 20.69
N LEU B 231 -1.91 -2.49 21.92
CA LEU B 231 -2.79 -2.06 22.99
C LEU B 231 -2.78 -0.54 23.08
N ALA B 232 -1.58 0.01 23.20
CA ALA B 232 -1.41 1.47 23.28
C ALA B 232 -2.01 2.15 22.05
N GLU B 233 -1.69 1.63 20.87
CA GLU B 233 -2.26 2.17 19.64
C GLU B 233 -3.80 2.12 19.68
N ASP B 234 -4.35 1.01 20.16
CA ASP B 234 -5.79 0.82 20.21
C ASP B 234 -6.46 1.77 21.19
N CYS B 235 -5.93 1.88 22.40
CA CYS B 235 -6.54 2.76 23.41
C CYS B 235 -5.80 4.09 23.57
N GLY B 236 -5.16 4.55 22.51
CA GLY B 236 -4.57 5.89 22.46
C GLY B 236 -3.58 6.19 23.56
N LEU B 237 -2.56 5.35 23.68
CA LEU B 237 -1.50 5.57 24.66
C LEU B 237 -0.13 5.60 23.99
N ILE B 238 -0.10 5.47 22.68
CA ILE B 238 1.15 5.39 21.93
C ILE B 238 1.92 6.71 21.98
N LEU B 239 1.20 7.84 21.90
CA LEU B 239 1.85 9.14 21.97
C LEU B 239 2.49 9.35 23.35
N PRO B 240 1.72 9.11 24.43
CA PRO B 240 2.30 9.14 25.77
C PRO B 240 3.45 8.15 25.93
N LEU B 241 3.32 6.98 25.31
CA LEU B 241 4.36 5.95 25.38
C LEU B 241 5.63 6.43 24.70
N GLY B 242 5.49 6.89 23.46
CA GLY B 242 6.64 7.34 22.67
C GLY B 242 7.36 8.49 23.33
N ASP B 243 6.61 9.42 23.89
CA ASP B 243 7.18 10.57 24.58
C ASP B 243 8.01 10.08 25.77
N TRP B 244 7.40 9.19 26.55
CA TRP B 244 8.09 8.58 27.69
C TRP B 244 9.37 7.91 27.22
N VAL B 245 9.27 7.11 26.17
CA VAL B 245 10.43 6.40 25.63
C VAL B 245 11.53 7.37 25.22
N LEU B 246 11.18 8.40 24.47
CA LEU B 246 12.16 9.37 24.00
C LEU B 246 12.89 10.05 25.17
N GLU B 247 12.13 10.64 26.08
CA GLU B 247 12.71 11.38 27.20
C GLU B 247 13.68 10.51 28.00
N HIS B 248 13.24 9.31 28.32
CA HIS B 248 14.06 8.38 29.11
C HIS B 248 15.25 7.88 28.31
N ALA B 249 15.06 7.70 27.01
CA ALA B 249 16.15 7.30 26.12
C ALA B 249 17.21 8.37 26.11
N CYS B 250 16.78 9.62 26.05
CA CYS B 250 17.69 10.76 26.08
C CYS B 250 18.40 10.83 27.43
N GLN B 251 17.61 11.01 28.50
CA GLN B 251 18.17 11.10 29.83
C GLN B 251 19.36 10.16 30.01
N GLN B 252 19.09 8.87 29.84
CA GLN B 252 20.10 7.84 30.05
C GLN B 252 21.36 8.14 29.24
N MET B 253 21.19 8.45 27.96
CA MET B 253 22.32 8.73 27.08
C MET B 253 23.10 9.94 27.60
N GLY B 254 22.39 11.02 27.87
CA GLY B 254 23.00 12.21 28.47
C GLY B 254 23.85 11.83 29.67
N GLU B 255 23.20 11.20 30.65
CA GLU B 255 23.91 10.72 31.84
C GLU B 255 25.15 9.94 31.43
N TRP B 256 25.02 9.11 30.41
CA TRP B 256 26.14 8.31 29.93
C TRP B 256 27.19 9.13 29.22
N GLN B 257 26.79 10.24 28.61
CA GLN B 257 27.76 11.12 27.95
C GLN B 257 28.75 11.63 28.98
N LYS B 258 28.23 12.00 30.14
CA LYS B 258 29.06 12.51 31.23
C LYS B 258 29.93 11.40 31.79
N LEU B 259 29.27 10.37 32.32
CA LEU B 259 29.97 9.29 33.00
C LEU B 259 30.97 8.59 32.09
N HIS B 260 30.46 7.91 31.07
CA HIS B 260 31.31 7.12 30.18
C HIS B 260 31.66 7.89 28.91
N ALA B 261 32.51 7.28 28.10
CA ALA B 261 32.99 7.88 26.87
C ALA B 261 32.05 7.59 25.73
N PRO B 262 32.24 8.28 24.59
CA PRO B 262 31.36 8.10 23.44
C PRO B 262 31.56 6.72 22.85
N PHE B 263 30.45 6.01 22.64
CA PHE B 263 30.48 4.62 22.22
C PHE B 263 29.56 4.41 21.03
N GLY B 264 29.26 5.52 20.33
CA GLY B 264 28.30 5.49 19.25
C GLY B 264 26.99 6.11 19.71
N PRO B 265 26.05 6.31 18.77
CA PRO B 265 24.77 6.89 19.12
C PRO B 265 23.78 5.84 19.65
N LEU B 266 22.64 6.32 20.13
CA LEU B 266 21.59 5.47 20.69
C LEU B 266 20.36 5.48 19.79
N SER B 267 19.87 4.29 19.46
CA SER B 267 18.76 4.14 18.52
C SER B 267 17.46 3.93 19.26
N VAL B 268 16.41 4.62 18.83
CA VAL B 268 15.08 4.40 19.40
C VAL B 268 14.02 4.33 18.31
N ASN B 269 13.14 3.35 18.40
CA ASN B 269 12.05 3.20 17.44
C ASN B 269 11.05 4.34 17.62
N LEU B 270 10.58 4.87 16.50
CA LEU B 270 9.61 5.96 16.50
C LEU B 270 8.31 5.48 15.86
N ALA B 271 7.32 5.20 16.70
CA ALA B 271 6.00 4.78 16.24
C ALA B 271 5.49 5.73 15.16
N GLY B 272 4.70 5.19 14.24
CA GLY B 272 4.18 5.98 13.12
C GLY B 272 3.48 7.26 13.56
N ALA B 273 2.64 7.15 14.59
CA ALA B 273 1.83 8.27 15.03
C ALA B 273 2.67 9.40 15.62
N GLN B 274 3.78 9.06 16.26
CA GLN B 274 4.69 10.06 16.83
C GLN B 274 5.15 11.03 15.74
N LEU B 275 5.28 10.52 14.52
CA LEU B 275 5.72 11.34 13.40
C LEU B 275 4.61 12.32 13.02
N GLY B 276 3.37 11.91 13.28
CA GLY B 276 2.21 12.74 13.01
C GLY B 276 2.05 13.91 13.97
N GLN B 277 2.72 13.83 15.11
CA GLN B 277 2.69 14.91 16.10
C GLN B 277 3.30 16.19 15.52
N PRO B 278 2.53 17.29 15.54
CA PRO B 278 2.99 18.57 15.01
C PRO B 278 4.12 19.19 15.83
N GLN B 279 4.17 18.87 17.12
CA GLN B 279 5.16 19.47 18.00
C GLN B 279 6.42 18.62 18.16
N LEU B 280 6.40 17.43 17.53
CA LEU B 280 7.49 16.48 17.65
C LEU B 280 8.86 17.15 17.66
N ILE B 281 9.18 17.87 16.60
CA ILE B 281 10.50 18.48 16.47
C ILE B 281 10.78 19.47 17.60
N GLU B 282 9.79 20.29 17.93
CA GLU B 282 9.94 21.27 19.00
C GLU B 282 10.22 20.55 20.32
N ARG B 283 9.44 19.50 20.57
CA ARG B 283 9.56 18.71 21.77
C ARG B 283 10.88 17.94 21.81
N LEU B 284 11.25 17.34 20.69
CA LEU B 284 12.48 16.57 20.63
C LEU B 284 13.69 17.42 20.99
N GLU B 285 13.72 18.63 20.46
CA GLU B 285 14.84 19.52 20.69
C GLU B 285 14.93 19.79 22.16
N GLN B 286 13.82 20.06 22.82
CA GLN B 286 13.91 20.31 24.25
C GLN B 286 14.44 19.14 24.97
N LEU B 287 13.99 17.97 24.60
CA LEU B 287 14.44 16.77 25.32
C LEU B 287 15.95 16.62 25.28
N LEU B 288 16.55 16.98 24.16
CA LEU B 288 17.99 16.87 23.96
C LEU B 288 18.72 17.93 24.78
N GLU B 289 18.21 19.15 24.67
CA GLU B 289 18.72 20.30 25.41
C GLU B 289 18.75 20.04 26.91
N GLN B 290 17.70 19.43 27.44
CA GLN B 290 17.60 19.15 28.86
C GLN B 290 18.66 18.17 29.34
N SER B 291 18.97 17.18 28.51
CA SER B 291 19.93 16.15 28.89
C SER B 291 21.35 16.49 28.43
N GLY B 292 21.51 17.65 27.79
CA GLY B 292 22.82 18.06 27.31
C GLY B 292 23.35 17.07 26.29
N LEU B 293 22.47 16.68 25.37
CA LEU B 293 22.83 15.73 24.33
C LEU B 293 22.90 16.42 22.98
N GLU B 294 24.03 16.25 22.30
CA GLU B 294 24.14 16.68 20.92
C GLU B 294 23.17 15.82 20.11
N PRO B 295 22.39 16.46 19.22
CA PRO B 295 21.41 15.70 18.43
C PRO B 295 22.06 14.53 17.70
N SER B 296 23.32 14.69 17.34
CA SER B 296 24.09 13.65 16.66
C SER B 296 24.16 12.34 17.45
N ARG B 297 23.98 12.43 18.76
CA ARG B 297 24.02 11.26 19.63
C ARG B 297 22.75 10.40 19.55
N LEU B 298 21.66 10.96 19.01
CA LEU B 298 20.38 10.25 18.98
C LEU B 298 19.95 9.80 17.58
N GLN B 299 19.54 8.53 17.48
CA GLN B 299 19.06 7.98 16.22
C GLN B 299 17.61 7.52 16.33
N LEU B 300 16.78 7.91 15.35
CA LEU B 300 15.38 7.52 15.32
C LEU B 300 15.13 6.46 14.25
N GLU B 301 14.76 5.27 14.69
CA GLU B 301 14.47 4.17 13.78
C GLU B 301 13.01 4.19 13.38
N ILE B 302 12.73 4.04 12.09
CA ILE B 302 11.36 4.02 11.62
C ILE B 302 11.12 2.81 10.73
N THR B 303 10.04 2.10 10.98
CA THR B 303 9.76 0.85 10.27
C THR B 303 9.46 1.10 8.79
N GLU B 304 10.07 0.29 7.93
CA GLU B 304 9.88 0.40 6.48
C GLU B 304 8.40 0.44 6.12
N SER B 305 7.68 -0.59 6.52
CA SER B 305 6.27 -0.75 6.20
C SER B 305 5.48 0.56 6.36
N PHE B 306 5.87 1.37 7.34
CA PHE B 306 5.20 2.64 7.59
C PHE B 306 5.71 3.74 6.66
N ILE B 307 7.03 3.85 6.56
CA ILE B 307 7.64 4.91 5.75
C ILE B 307 7.28 4.79 4.27
N MET B 308 7.10 3.56 3.80
CA MET B 308 6.72 3.35 2.40
C MET B 308 5.22 3.57 2.18
N ASN B 309 4.50 3.77 3.27
CA ASN B 309 3.08 4.10 3.23
C ASN B 309 2.90 5.61 3.46
N GLN B 310 4.02 6.31 3.59
CA GLN B 310 4.01 7.72 4.03
C GLN B 310 3.42 8.69 3.00
N THR B 311 3.25 9.94 3.43
CA THR B 311 2.63 10.98 2.61
C THR B 311 3.57 12.16 2.39
N GLU B 312 3.01 13.30 1.97
CA GLU B 312 3.79 14.52 1.77
C GLU B 312 4.12 15.19 3.10
N GLU B 313 3.27 14.99 4.10
CA GLU B 313 3.48 15.55 5.43
C GLU B 313 4.66 14.87 6.14
N ALA B 314 4.92 13.62 5.79
CA ALA B 314 5.95 12.83 6.47
C ALA B 314 7.36 13.18 6.00
N LEU B 315 7.54 13.34 4.68
CA LEU B 315 8.85 13.61 4.11
C LEU B 315 9.41 14.95 4.60
N ALA B 316 8.53 15.93 4.77
CA ALA B 316 8.94 17.26 5.23
C ALA B 316 9.41 17.21 6.69
N VAL B 317 8.80 16.35 7.48
CA VAL B 317 9.18 16.16 8.88
C VAL B 317 10.55 15.49 8.96
N LEU B 318 10.74 14.43 8.17
CA LEU B 318 12.00 13.71 8.15
C LEU B 318 13.17 14.64 7.87
N HIS B 319 12.95 15.66 7.05
CA HIS B 319 13.95 16.69 6.83
C HIS B 319 14.15 17.49 8.12
N GLY B 320 13.05 17.96 8.69
CA GLY B 320 13.08 18.70 9.94
C GLY B 320 13.88 17.99 11.02
N LEU B 321 13.74 16.67 11.08
CA LEU B 321 14.46 15.87 12.06
C LEU B 321 15.96 15.89 11.76
N LYS B 322 16.31 15.89 10.48
CA LYS B 322 17.71 15.96 10.07
C LYS B 322 18.29 17.35 10.35
N ARG B 323 17.46 18.37 10.16
CA ARG B 323 17.86 19.74 10.43
C ARG B 323 18.32 19.87 11.88
N LEU B 324 17.69 19.10 12.77
CA LEU B 324 18.09 19.07 14.18
C LEU B 324 19.43 18.38 14.37
N GLY B 325 19.73 17.40 13.52
CA GLY B 325 21.01 16.72 13.56
C GLY B 325 20.92 15.27 14.00
N VAL B 326 19.72 14.82 14.37
CA VAL B 326 19.51 13.44 14.79
C VAL B 326 19.61 12.53 13.59
N GLN B 327 19.98 11.27 13.83
CA GLN B 327 20.12 10.31 12.75
C GLN B 327 18.80 9.62 12.46
N LEU B 328 18.62 9.19 11.20
CA LEU B 328 17.42 8.48 10.79
C LEU B 328 17.77 7.11 10.23
N ALA B 329 16.97 6.12 10.58
CA ALA B 329 17.21 4.75 10.15
C ALA B 329 15.93 4.07 9.71
N ILE B 330 16.04 3.26 8.65
CA ILE B 330 14.91 2.46 8.20
C ILE B 330 15.03 1.06 8.82
N ASP B 331 13.99 0.69 9.55
CA ASP B 331 13.98 -0.56 10.31
C ASP B 331 13.22 -1.64 9.57
N ASP B 332 13.56 -2.90 9.85
CA ASP B 332 12.90 -4.05 9.23
C ASP B 332 12.85 -3.90 7.71
N PHE B 333 14.03 -3.82 7.08
CA PHE B 333 14.08 -3.50 5.65
C PHE B 333 14.14 -4.74 4.76
N GLY B 334 13.35 -4.73 3.69
CA GLY B 334 13.43 -5.74 2.64
C GLY B 334 12.30 -6.75 2.62
N THR B 335 11.45 -6.74 3.64
CA THR B 335 10.43 -7.77 3.83
C THR B 335 9.36 -7.80 2.73
N GLY B 336 8.64 -6.69 2.57
CA GLY B 336 7.52 -6.62 1.64
C GLY B 336 7.79 -5.80 0.40
N TYR B 337 6.76 -5.09 -0.05
CA TYR B 337 6.86 -4.22 -1.23
C TYR B 337 7.30 -2.81 -0.84
N SER B 338 8.35 -2.32 -1.50
CA SER B 338 8.87 -0.99 -1.22
C SER B 338 9.17 -0.25 -2.52
N SER B 339 9.61 1.00 -2.40
CA SER B 339 9.90 1.82 -3.57
C SER B 339 11.36 2.27 -3.58
N LEU B 340 12.12 1.81 -4.58
CA LEU B 340 13.51 2.21 -4.73
C LEU B 340 13.60 3.72 -4.96
N SER B 341 12.61 4.26 -5.66
CA SER B 341 12.59 5.68 -5.99
C SER B 341 12.45 6.54 -4.74
N TYR B 342 11.46 6.19 -3.92
CA TYR B 342 11.15 6.94 -2.70
C TYR B 342 12.24 6.75 -1.63
N LEU B 343 12.92 5.61 -1.68
CA LEU B 343 13.96 5.28 -0.71
C LEU B 343 15.10 6.30 -0.71
N LYS B 344 15.42 6.84 -1.89
CA LYS B 344 16.54 7.75 -2.04
C LYS B 344 16.19 9.13 -1.49
N ARG B 345 14.96 9.57 -1.76
CA ARG B 345 14.52 10.91 -1.38
C ARG B 345 14.52 11.10 0.14
N LEU B 346 14.56 10.00 0.89
CA LEU B 346 14.61 10.06 2.35
C LEU B 346 16.03 10.31 2.82
N PRO B 347 16.21 11.26 3.75
CA PRO B 347 17.53 11.55 4.30
C PRO B 347 17.92 10.53 5.37
N LEU B 348 17.99 9.27 4.96
CA LEU B 348 18.34 8.19 5.87
C LEU B 348 19.85 8.13 6.08
N ASP B 349 20.26 7.55 7.20
CA ASP B 349 21.67 7.32 7.46
C ASP B 349 21.94 5.82 7.60
N ILE B 350 20.97 5.11 8.16
CA ILE B 350 21.13 3.69 8.47
C ILE B 350 20.10 2.84 7.74
N LEU B 351 20.45 1.60 7.46
CA LEU B 351 19.54 0.65 6.82
C LEU B 351 19.59 -0.67 7.61
N LYS B 352 18.47 -1.01 8.24
CA LYS B 352 18.44 -2.20 9.09
C LYS B 352 17.81 -3.40 8.39
N ILE B 353 18.63 -4.43 8.16
CA ILE B 353 18.17 -5.65 7.48
C ILE B 353 17.28 -6.46 8.40
N ASP B 354 16.07 -6.77 7.92
CA ASP B 354 15.08 -7.51 8.72
C ASP B 354 15.64 -8.82 9.27
N LYS B 355 15.14 -9.24 10.43
CA LYS B 355 15.64 -10.42 11.13
C LYS B 355 15.34 -11.72 10.37
N SER B 356 14.38 -11.67 9.44
CA SER B 356 13.97 -12.86 8.71
C SER B 356 15.06 -13.36 7.75
N PHE B 357 15.77 -12.42 7.13
CA PHE B 357 16.79 -12.77 6.13
C PHE B 357 18.11 -13.19 6.78
N ILE B 358 18.37 -12.67 7.97
CA ILE B 358 19.63 -12.92 8.65
C ILE B 358 19.58 -14.18 9.52
N ARG B 359 18.39 -14.61 9.90
CA ARG B 359 18.23 -15.78 10.74
C ARG B 359 18.39 -17.09 9.96
N GLY B 360 18.40 -17.00 8.62
CA GLY B 360 18.57 -18.18 7.78
C GLY B 360 20.01 -18.38 7.35
N LEU B 361 20.85 -17.37 7.56
CA LEU B 361 22.24 -17.41 7.14
C LEU B 361 23.01 -18.51 7.87
N PRO B 362 23.85 -19.24 7.14
CA PRO B 362 24.04 -19.05 5.71
C PRO B 362 23.51 -20.23 4.90
N ASP B 363 22.81 -21.15 5.55
CA ASP B 363 22.34 -22.37 4.91
C ASP B 363 21.31 -22.08 3.83
N ASP B 364 20.36 -21.20 4.13
CA ASP B 364 19.29 -20.88 3.19
C ASP B 364 19.82 -20.03 2.02
N PRO B 365 19.59 -20.51 0.78
CA PRO B 365 20.11 -19.83 -0.40
C PRO B 365 19.41 -18.50 -0.68
N HIS B 366 18.08 -18.48 -0.50
CA HIS B 366 17.27 -17.29 -0.75
C HIS B 366 17.63 -16.15 0.18
N ASP B 367 17.66 -16.44 1.48
CA ASP B 367 17.98 -15.43 2.48
C ASP B 367 19.37 -14.83 2.26
N ALA B 368 20.27 -15.65 1.72
CA ALA B 368 21.62 -15.18 1.40
C ALA B 368 21.57 -14.17 0.27
N ALA B 369 20.86 -14.52 -0.80
CA ALA B 369 20.74 -13.66 -1.98
C ALA B 369 20.18 -12.29 -1.63
N ILE B 370 19.12 -12.29 -0.84
CA ILE B 370 18.48 -11.05 -0.41
C ILE B 370 19.38 -10.22 0.48
N THR B 371 20.02 -10.87 1.45
CA THR B 371 20.94 -10.15 2.34
C THR B 371 22.09 -9.56 1.54
N ARG B 372 22.57 -10.33 0.57
CA ARG B 372 23.67 -9.89 -0.29
C ARG B 372 23.19 -8.73 -1.17
N ALA B 373 21.92 -8.78 -1.57
CA ALA B 373 21.32 -7.72 -2.38
C ALA B 373 21.15 -6.43 -1.58
N ILE B 374 20.59 -6.55 -0.38
CA ILE B 374 20.35 -5.40 0.48
C ILE B 374 21.64 -4.66 0.80
N ILE B 375 22.71 -5.39 1.06
CA ILE B 375 24.00 -4.78 1.35
C ILE B 375 24.46 -3.96 0.15
N ALA B 376 24.45 -4.59 -1.02
CA ALA B 376 24.83 -3.92 -2.27
C ALA B 376 23.96 -2.69 -2.49
N LEU B 377 22.68 -2.81 -2.14
CA LEU B 377 21.73 -1.72 -2.30
C LEU B 377 22.09 -0.55 -1.37
N GLY B 378 22.23 -0.86 -0.08
CA GLY B 378 22.59 0.15 0.90
C GLY B 378 23.91 0.82 0.59
N ARG B 379 24.92 0.02 0.24
CA ARG B 379 26.23 0.54 -0.10
C ARG B 379 26.12 1.55 -1.24
N SER B 380 25.50 1.14 -2.33
CA SER B 380 25.34 2.00 -3.51
C SER B 380 24.68 3.33 -3.18
N MET B 381 23.67 3.30 -2.30
CA MET B 381 22.94 4.50 -1.91
C MET B 381 23.68 5.28 -0.83
N GLN B 382 24.84 4.78 -0.42
CA GLN B 382 25.63 5.43 0.62
C GLN B 382 24.84 5.43 1.94
N LEU B 383 24.38 4.25 2.34
CA LEU B 383 23.65 4.09 3.61
C LEU B 383 24.34 3.08 4.51
N THR B 384 24.54 3.45 5.77
CA THR B 384 25.14 2.54 6.72
C THR B 384 24.23 1.33 6.92
N VAL B 385 24.55 0.25 6.25
CA VAL B 385 23.78 -0.99 6.37
C VAL B 385 24.16 -1.71 7.66
N ILE B 386 23.15 -2.26 8.36
CA ILE B 386 23.39 -2.98 9.60
C ILE B 386 22.46 -4.19 9.72
N ALA B 387 23.04 -5.34 10.01
CA ALA B 387 22.29 -6.57 10.21
C ALA B 387 21.63 -6.53 11.58
N GLU B 388 20.40 -7.02 11.67
CA GLU B 388 19.70 -7.08 12.95
C GLU B 388 19.27 -8.50 13.27
N GLY B 389 19.33 -8.85 14.56
CA GLY B 389 18.93 -10.17 15.02
C GLY B 389 19.95 -11.23 14.65
N VAL B 390 21.22 -10.95 14.94
CA VAL B 390 22.29 -11.90 14.66
C VAL B 390 22.46 -12.86 15.84
N GLU B 391 22.19 -14.14 15.60
CA GLU B 391 22.16 -15.13 16.67
C GLU B 391 23.38 -16.06 16.66
N THR B 392 23.69 -16.64 15.51
CA THR B 392 24.74 -17.66 15.43
C THR B 392 26.06 -17.12 14.87
N GLU B 393 27.14 -17.83 15.15
CA GLU B 393 28.48 -17.42 14.71
C GLU B 393 28.61 -17.55 13.20
N GLY B 394 28.03 -18.62 12.65
CA GLY B 394 28.01 -18.82 11.21
C GLY B 394 27.34 -17.66 10.49
N GLN B 395 26.33 -17.10 11.14
CA GLN B 395 25.62 -15.94 10.58
C GLN B 395 26.51 -14.71 10.56
N GLN B 396 27.23 -14.49 11.66
CA GLN B 396 28.15 -13.36 11.74
C GLN B 396 29.30 -13.52 10.75
N SER B 397 29.78 -14.75 10.60
CA SER B 397 30.83 -15.05 9.63
C SER B 397 30.39 -14.61 8.24
N PHE B 398 29.29 -15.20 7.77
CA PHE B 398 28.72 -14.87 6.46
C PHE B 398 28.71 -13.36 6.23
N LEU B 399 28.05 -12.64 7.15
CA LEU B 399 27.88 -11.21 7.02
C LEU B 399 29.21 -10.49 6.80
N THR B 400 30.30 -11.06 7.31
CA THR B 400 31.61 -10.41 7.19
C THR B 400 32.24 -10.65 5.81
N HIS B 401 32.09 -11.87 5.30
CA HIS B 401 32.61 -12.21 3.98
C HIS B 401 31.79 -11.53 2.87
N GLU B 402 30.60 -11.06 3.22
CA GLU B 402 29.71 -10.42 2.25
C GLU B 402 29.68 -8.90 2.41
N GLY B 403 30.57 -8.37 3.24
CA GLY B 403 30.77 -6.93 3.33
C GLY B 403 29.77 -6.17 4.17
N CYS B 404 29.03 -6.88 5.03
CA CYS B 404 28.07 -6.21 5.92
C CYS B 404 28.83 -5.38 6.96
N GLU B 405 28.53 -4.09 6.99
CA GLU B 405 29.29 -3.15 7.81
C GLU B 405 29.12 -3.39 9.32
N GLN B 406 27.88 -3.31 9.79
CA GLN B 406 27.61 -3.42 11.21
C GLN B 406 26.75 -4.63 11.53
N ILE B 407 26.49 -4.83 12.82
CA ILE B 407 25.76 -6.02 13.26
C ILE B 407 25.13 -5.80 14.64
N GLN B 408 24.07 -6.55 14.90
CA GLN B 408 23.32 -6.45 16.14
C GLN B 408 22.56 -7.74 16.44
N GLY B 409 22.66 -8.22 17.68
CA GLY B 409 21.92 -9.42 18.08
C GLY B 409 22.52 -10.19 19.24
N PHE B 410 21.88 -11.32 19.56
CA PHE B 410 22.29 -12.17 20.67
C PHE B 410 23.75 -12.59 20.57
N VAL B 411 24.21 -12.89 19.35
CA VAL B 411 25.60 -13.25 19.14
C VAL B 411 26.51 -12.23 19.81
N LEU B 412 26.10 -10.97 19.80
CA LEU B 412 26.81 -9.93 20.52
C LEU B 412 26.34 -9.97 21.97
N SER B 413 25.07 -9.64 22.17
CA SER B 413 24.42 -9.77 23.48
C SER B 413 22.94 -9.42 23.40
N PRO B 414 22.12 -10.08 24.22
CA PRO B 414 20.71 -9.71 24.29
C PRO B 414 20.57 -8.35 24.96
N PRO B 415 19.38 -7.75 24.84
CA PRO B 415 19.14 -6.45 25.48
C PRO B 415 19.40 -6.52 26.99
N LEU B 416 20.20 -5.58 27.49
CA LEU B 416 20.59 -5.55 28.90
C LEU B 416 19.97 -4.37 29.65
N PRO B 417 19.76 -4.53 30.97
CA PRO B 417 19.41 -3.40 31.83
C PRO B 417 20.55 -2.39 31.94
N ALA B 418 20.21 -1.12 32.13
CA ALA B 418 21.19 -0.03 32.11
C ALA B 418 22.49 -0.35 32.87
N GLU B 419 22.39 -0.59 34.17
CA GLU B 419 23.56 -0.90 35.00
C GLU B 419 24.42 -1.98 34.37
N LEU B 420 23.78 -3.08 33.98
CA LEU B 420 24.48 -4.22 33.42
C LEU B 420 25.14 -3.84 32.10
N PHE B 421 24.44 -3.06 31.29
CA PHE B 421 24.98 -2.57 30.03
C PHE B 421 26.25 -1.77 30.31
N ALA B 422 26.10 -0.72 31.11
CA ALA B 422 27.21 0.17 31.43
C ALA B 422 28.41 -0.59 31.97
N SER B 423 28.13 -1.60 32.79
CA SER B 423 29.20 -2.42 33.37
C SER B 423 29.82 -3.39 32.36
N LYS B 424 29.09 -3.73 31.30
CA LYS B 424 29.56 -4.75 30.37
C LYS B 424 30.12 -4.22 29.05
N PHE B 425 29.71 -3.02 28.63
CA PHE B 425 30.19 -2.48 27.35
C PHE B 425 30.77 -1.08 27.47
N LEU B 426 30.65 -0.46 28.64
CA LEU B 426 31.01 0.95 28.76
C LEU B 426 32.30 1.20 29.56
N LYS B 427 33.17 2.00 28.97
CA LYS B 427 34.43 2.38 29.56
C LYS B 427 34.36 3.84 30.02
N PRO B 428 35.24 4.21 30.98
CA PRO B 428 35.21 5.53 31.63
C PRO B 428 35.43 6.71 30.67
N ARG B 429 34.92 7.88 31.04
CA ARG B 429 35.03 9.08 30.21
C ARG B 429 36.46 9.29 29.71
CA CA C . 10.33 -3.33 -24.08
CA CA D . -12.40 1.27 -13.90
CA CA E . -15.77 2.60 -15.24
PG GTP F . -9.74 0.17 -16.44
O1G GTP F . -8.30 0.28 -16.00
O2G GTP F . -10.67 1.05 -15.63
O3G GTP F . -9.94 0.24 -17.94
O3B GTP F . -10.17 -1.33 -16.05
PB GTP F . -11.69 -1.72 -15.69
O1B GTP F . -11.82 -3.22 -15.76
O2B GTP F . -12.07 -1.02 -14.41
O3A GTP F . -12.53 -1.08 -16.90
PA GTP F . -14.03 -0.56 -16.66
O1A GTP F . -14.76 -0.61 -17.97
O2A GTP F . -13.99 0.71 -15.85
O5' GTP F . -14.60 -1.72 -15.73
C5' GTP F . -15.81 -1.51 -15.03
C4' GTP F . -16.04 -2.77 -14.21
O4' GTP F . -16.58 -2.45 -12.92
C3' GTP F . -17.02 -3.69 -14.92
O3' GTP F . -16.44 -4.99 -15.08
C2' GTP F . -18.22 -3.74 -13.98
O2' GTP F . -18.84 -5.02 -13.96
C1' GTP F . -17.60 -3.39 -12.64
N9 GTP F . -18.67 -2.88 -11.75
C8 GTP F . -19.47 -1.82 -11.96
N7 GTP F . -20.34 -1.68 -10.93
C5 GTP F . -20.11 -2.68 -10.05
C6 GTP F . -20.67 -3.13 -8.77
O6 GTP F . -21.60 -2.50 -8.23
N1 GTP F . -20.14 -4.22 -8.19
C2 GTP F . -19.11 -4.91 -8.75
N2 GTP F . -18.63 -6.00 -8.11
N3 GTP F . -18.56 -4.55 -9.93
C4 GTP F . -19.01 -3.46 -10.61
CA CA G . -18.71 3.12 21.11
CA CA H . 14.51 -1.31 15.99
PG GTP I . -15.32 2.57 20.33
O1G GTP I . -14.04 2.08 20.97
O2G GTP I . -15.50 2.15 18.89
O3G GTP I . -16.55 2.39 21.18
O3B GTP I . -15.13 4.17 20.18
PB GTP I . -16.06 5.20 20.99
O1B GTP I . -15.44 6.58 20.88
O2B GTP I . -17.50 5.00 20.57
O3A GTP I . -15.84 4.67 22.49
PA GTP I . -16.96 4.85 23.65
O1A GTP I . -16.24 4.94 24.98
O2A GTP I . -18.06 3.84 23.45
O5' GTP I . -17.55 6.31 23.32
C5' GTP I . -18.93 6.55 23.58
C4' GTP I . -19.23 7.95 23.12
O4' GTP I . -20.64 8.13 23.02
C3' GTP I . -18.70 8.98 24.12
O3' GTP I . -17.81 9.90 23.47
C2' GTP I . -19.93 9.70 24.63
O2' GTP I . -19.72 11.10 24.79
C1' GTP I . -20.97 9.42 23.55
N9 GTP I . -22.32 9.44 24.13
C8 GTP I . -22.82 8.61 25.06
N7 GTP I . -24.11 8.95 25.34
C5 GTP I . -24.43 10.02 24.58
C6 GTP I . -25.61 10.87 24.39
O6 GTP I . -26.66 10.66 25.04
N1 GTP I . -25.54 11.87 23.51
C2 GTP I . -24.42 12.12 22.80
N2 GTP I . -24.41 13.15 21.92
N3 GTP I . -23.29 11.37 22.93
C4 GTP I . -23.25 10.33 23.79
#